data_4NKO
#
_entry.id   4NKO
#
_cell.length_a   60.586
_cell.length_b   104.917
_cell.length_c   284.413
_cell.angle_alpha   90.00
_cell.angle_beta   90.00
_cell.angle_gamma   90.00
#
_symmetry.space_group_name_H-M   'C 2 2 21'
#
_entity_poly.entity_id   1
_entity_poly.type   'polypeptide(L)'
_entity_poly.pdbx_seq_one_letter_code
;MADYKDIVMTQTPSSLPVSLGDQASISCRSSQSIVHSNGNTYLEWYLQKPGQSPKLLIYKVSNRFSGVPDRFSGSGSGTD
FTLKISRVEAEDLGIYYCFQGSLVPPTFGAGTKLELKRGGGGSGGGGSGGGGSSGGGSQVQLQQSGPEDVKPGASVKISC
KASGYTFTDYYMNWVKQSPGKGLEWIGDINPNNGGTSYNQKFKGRATLTVDKSSSTAYMELRSLTSEDSSVYYCAASSPY
SMRAAMDYWGQGTTVTVSASGADHHHHHH
;
_entity_poly.pdbx_strand_id   A,B,C
#
# COMPACT_ATOMS: atom_id res chain seq x y z
N ASP A 6 -0.07 -23.54 -27.93
CA ASP A 6 -1.01 -22.88 -27.04
C ASP A 6 -0.34 -21.73 -26.32
N ILE A 7 -1.08 -20.63 -26.13
CA ILE A 7 -0.52 -19.41 -25.56
C ILE A 7 -0.83 -19.28 -24.06
N VAL A 8 0.18 -18.88 -23.28
CA VAL A 8 0.04 -18.69 -21.84
C VAL A 8 0.32 -17.24 -21.41
N MET A 9 -0.50 -16.71 -20.52
CA MET A 9 -0.35 -15.35 -20.00
C MET A 9 0.28 -15.32 -18.60
N THR A 10 1.36 -14.56 -18.46
CA THR A 10 2.09 -14.46 -17.19
C THR A 10 1.99 -13.06 -16.58
N GLN A 11 1.29 -12.95 -15.45
CA GLN A 11 1.08 -11.65 -14.79
C GLN A 11 2.01 -11.49 -13.59
N THR A 12 2.69 -10.35 -13.53
CA THR A 12 3.64 -10.09 -12.45
C THR A 12 3.41 -8.69 -11.87
N PRO A 13 3.45 -8.55 -10.54
CA PRO A 13 3.61 -9.63 -9.56
C PRO A 13 2.29 -10.24 -9.13
N SER A 14 2.36 -11.24 -8.25
CA SER A 14 1.15 -11.88 -7.73
C SER A 14 0.39 -10.93 -6.80
N SER A 15 1.13 -10.25 -5.93
CA SER A 15 0.56 -9.24 -5.04
C SER A 15 1.42 -7.99 -5.00
N LEU A 16 0.80 -6.81 -4.89
CA LEU A 16 1.62 -5.61 -4.70
C LEU A 16 1.00 -4.61 -3.71
N PRO A 17 1.82 -4.15 -2.76
CA PRO A 17 1.59 -3.04 -1.82
C PRO A 17 2.01 -1.67 -2.35
N VAL A 18 1.10 -0.70 -2.38
CA VAL A 18 1.47 0.69 -2.66
C VAL A 18 0.62 1.67 -1.85
N SER A 19 1.27 2.61 -1.17
CA SER A 19 0.57 3.65 -0.42
C SER A 19 0.02 4.72 -1.37
N LEU A 20 -0.96 5.49 -0.89
CA LEU A 20 -1.65 6.48 -1.73
C LEU A 20 -0.73 7.45 -2.45
N GLY A 21 -1.02 7.71 -3.72
CA GLY A 21 -0.29 8.71 -4.49
C GLY A 21 0.91 8.16 -5.23
N ASP A 22 1.45 7.03 -4.75
CA ASP A 22 2.65 6.45 -5.31
C ASP A 22 2.42 5.82 -6.68
N GLN A 23 3.51 5.63 -7.42
CA GLN A 23 3.44 5.01 -8.74
C GLN A 23 3.10 3.53 -8.59
N ALA A 24 2.38 2.99 -9.57
CA ALA A 24 2.08 1.56 -9.60
C ALA A 24 2.32 1.04 -11.00
N SER A 25 2.97 -0.11 -11.09
CA SER A 25 3.31 -0.70 -12.39
C SER A 25 3.13 -2.21 -12.37
N ILE A 26 2.41 -2.74 -13.35
CA ILE A 26 2.17 -4.17 -13.46
C ILE A 26 2.57 -4.66 -14.85
N SER A 27 3.48 -5.62 -14.88
CA SER A 27 3.96 -6.20 -16.14
C SER A 27 3.19 -7.46 -16.51
N CYS A 28 2.71 -7.50 -17.75
CA CYS A 28 2.06 -8.66 -18.31
C CYS A 28 2.91 -9.12 -19.50
N ARG A 29 3.50 -10.30 -19.34
CA ARG A 29 4.39 -10.88 -20.34
C ARG A 29 3.85 -12.20 -20.89
N SER A 30 3.56 -12.22 -22.19
CA SER A 30 2.98 -13.40 -22.82
C SER A 30 4.04 -14.45 -23.14
N SER A 31 3.59 -15.57 -23.72
CA SER A 31 4.50 -16.61 -24.19
C SER A 31 5.20 -16.15 -25.46
N GLN A 32 4.42 -15.55 -26.36
CA GLN A 32 4.96 -14.94 -27.57
C GLN A 32 4.01 -13.87 -28.09
N SER A 33 4.34 -13.30 -29.24
CA SER A 33 3.64 -12.11 -29.74
C SER A 33 2.12 -12.31 -29.85
N ILE A 34 1.38 -11.45 -29.17
CA ILE A 34 -0.07 -11.48 -29.23
C ILE A 34 -0.61 -10.49 -30.26
N VAL A 35 0.28 -9.82 -30.99
CA VAL A 35 -0.15 -8.95 -32.08
C VAL A 35 -0.97 -9.78 -33.07
N HIS A 36 -2.19 -9.32 -33.35
CA HIS A 36 -3.07 -10.03 -34.27
C HIS A 36 -2.56 -9.86 -35.70
N SER A 37 -2.75 -10.88 -36.52
CA SER A 37 -2.25 -10.91 -37.89
C SER A 37 -2.65 -9.68 -38.70
N ASN A 38 -3.88 -9.23 -38.50
CA ASN A 38 -4.40 -8.04 -39.18
C ASN A 38 -3.62 -6.77 -38.87
N GLY A 39 -2.90 -6.77 -37.75
CA GLY A 39 -2.11 -5.63 -37.34
C GLY A 39 -2.67 -4.87 -36.15
N ASN A 40 -3.69 -5.42 -35.50
CA ASN A 40 -4.11 -4.91 -34.22
C ASN A 40 -3.53 -5.74 -33.08
N THR A 41 -3.75 -5.30 -31.86
CA THR A 41 -3.38 -6.09 -30.68
C THR A 41 -4.50 -5.96 -29.66
N TYR A 42 -5.13 -7.08 -29.31
CA TYR A 42 -6.24 -6.99 -28.38
C TYR A 42 -5.77 -7.44 -27.00
N LEU A 43 -5.59 -6.46 -26.12
CA LEU A 43 -5.17 -6.70 -24.75
C LEU A 43 -5.90 -5.73 -23.85
N GLU A 44 -6.44 -6.27 -22.75
CA GLU A 44 -7.31 -5.52 -21.88
C GLU A 44 -6.86 -5.55 -20.43
N TRP A 45 -7.22 -4.50 -19.71
CA TRP A 45 -6.95 -4.41 -18.29
C TRP A 45 -8.27 -4.27 -17.55
N TYR A 46 -8.49 -5.22 -16.63
CA TYR A 46 -9.71 -5.34 -15.86
C TYR A 46 -9.44 -5.16 -14.39
N LEU A 47 -10.42 -4.59 -13.68
CA LEU A 47 -10.31 -4.38 -12.24
C LEU A 47 -11.41 -5.13 -11.52
N GLN A 48 -11.03 -6.10 -10.70
CA GLN A 48 -11.98 -6.75 -9.82
C GLN A 48 -11.98 -6.06 -8.47
N LYS A 49 -13.06 -5.32 -8.19
CA LYS A 49 -13.29 -4.82 -6.84
C LYS A 49 -13.91 -5.94 -6.05
N PRO A 50 -13.28 -6.34 -4.93
CA PRO A 50 -13.78 -7.49 -4.17
C PRO A 50 -15.25 -7.32 -3.80
N GLY A 51 -16.06 -8.32 -4.14
CA GLY A 51 -17.49 -8.26 -3.90
C GLY A 51 -18.23 -7.39 -4.88
N GLN A 52 -17.84 -7.43 -6.15
CA GLN A 52 -18.56 -6.73 -7.22
C GLN A 52 -18.26 -7.29 -8.61
N SER A 53 -18.90 -6.70 -9.61
CA SER A 53 -18.65 -7.04 -11.00
C SER A 53 -17.26 -6.58 -11.44
N PRO A 54 -16.52 -7.48 -12.11
CA PRO A 54 -15.28 -7.01 -12.73
C PRO A 54 -15.61 -6.06 -13.87
N LYS A 55 -14.93 -4.94 -13.99
CA LYS A 55 -15.24 -4.02 -15.09
C LYS A 55 -13.98 -3.63 -15.86
N LEU A 56 -14.19 -3.09 -17.05
CA LEU A 56 -13.08 -2.78 -17.95
C LEU A 56 -12.47 -1.42 -17.66
N LEU A 57 -11.14 -1.41 -17.69
CA LEU A 57 -10.37 -0.20 -17.54
C LEU A 57 -9.78 0.12 -18.90
N ILE A 58 -8.98 -0.79 -19.43
CA ILE A 58 -8.32 -0.51 -20.70
C ILE A 58 -8.63 -1.56 -21.77
N TYR A 59 -8.96 -1.10 -22.98
CA TYR A 59 -9.11 -1.99 -24.12
C TYR A 59 -8.12 -1.63 -25.22
N LYS A 60 -7.73 -2.61 -26.03
CA LYS A 60 -6.83 -2.37 -27.17
C LYS A 60 -5.52 -1.69 -26.76
N VAL A 61 -4.64 -2.41 -26.06
CA VAL A 61 -3.35 -1.87 -25.67
C VAL A 61 -3.55 -0.71 -24.69
N SER A 62 -3.42 0.53 -25.15
CA SER A 62 -3.49 1.69 -24.26
C SER A 62 -4.83 2.44 -24.17
N ASN A 63 -5.84 2.03 -24.93
CA ASN A 63 -7.07 2.82 -25.02
C ASN A 63 -7.98 2.64 -23.80
N ARG A 64 -8.23 3.73 -23.08
CA ARG A 64 -9.04 3.71 -21.86
C ARG A 64 -10.54 3.55 -22.13
N PHE A 65 -11.19 2.71 -21.33
CA PHE A 65 -12.64 2.55 -21.39
C PHE A 65 -13.33 3.82 -20.90
N SER A 66 -14.58 4.01 -21.32
CA SER A 66 -15.34 5.20 -20.96
C SER A 66 -15.62 5.28 -19.45
N GLY A 67 -15.40 6.46 -18.88
CA GLY A 67 -15.68 6.68 -17.47
C GLY A 67 -14.51 6.36 -16.55
N VAL A 68 -13.38 6.01 -17.15
CA VAL A 68 -12.18 5.66 -16.40
C VAL A 68 -11.24 6.85 -16.27
N PRO A 69 -10.83 7.16 -15.02
CA PRO A 69 -9.85 8.22 -14.73
C PRO A 69 -8.56 8.10 -15.53
N ASP A 70 -7.99 9.22 -15.93
CA ASP A 70 -6.82 9.24 -16.80
C ASP A 70 -5.54 8.80 -16.11
N ARG A 71 -5.58 8.70 -14.78
CA ARG A 71 -4.42 8.24 -14.03
C ARG A 71 -4.11 6.77 -14.33
N PHE A 72 -5.06 6.09 -14.97
CA PHE A 72 -4.85 4.73 -15.40
C PHE A 72 -4.36 4.73 -16.83
N SER A 73 -3.11 4.37 -17.07
CA SER A 73 -2.60 4.31 -18.42
C SER A 73 -1.55 3.24 -18.53
N GLY A 74 -1.54 2.50 -19.62
CA GLY A 74 -0.56 1.45 -19.81
C GLY A 74 -0.34 1.19 -21.28
N SER A 75 0.84 0.72 -21.63
CA SER A 75 1.21 0.58 -23.04
C SER A 75 1.93 -0.74 -23.27
N GLY A 76 2.46 -0.93 -24.47
CA GLY A 76 3.27 -2.10 -24.74
C GLY A 76 3.11 -2.67 -26.12
N SER A 77 3.91 -3.70 -26.42
CA SER A 77 3.92 -4.34 -27.72
C SER A 77 4.47 -5.76 -27.61
N GLY A 78 4.19 -6.56 -28.63
CA GLY A 78 4.77 -7.89 -28.69
C GLY A 78 4.33 -8.68 -27.48
N THR A 79 5.32 -9.04 -26.67
CA THR A 79 5.12 -9.74 -25.42
C THR A 79 4.83 -8.72 -24.32
N ASP A 80 5.76 -7.78 -24.14
CA ASP A 80 5.70 -6.87 -22.99
C ASP A 80 4.52 -5.91 -23.00
N PHE A 81 3.74 -5.91 -21.91
CA PHE A 81 2.74 -4.87 -21.72
C PHE A 81 2.74 -4.38 -20.27
N THR A 82 2.76 -3.07 -20.06
CA THR A 82 2.95 -2.51 -18.73
C THR A 82 1.86 -1.51 -18.39
N LEU A 83 1.10 -1.81 -17.34
CA LEU A 83 0.04 -0.91 -16.87
C LEU A 83 0.52 -0.06 -15.69
N LYS A 84 0.43 1.25 -15.84
CA LYS A 84 0.75 2.18 -14.76
C LYS A 84 -0.48 2.88 -14.20
N ILE A 85 -0.47 3.08 -12.88
CA ILE A 85 -1.46 3.91 -12.21
C ILE A 85 -0.74 4.86 -11.26
N SER A 86 -0.87 6.17 -11.49
CA SER A 86 -0.38 7.15 -10.55
C SER A 86 -1.53 7.64 -9.68
N ARG A 87 -1.19 8.46 -8.67
CA ARG A 87 -2.19 9.07 -7.79
C ARG A 87 -3.23 8.07 -7.30
N VAL A 88 -2.78 7.01 -6.62
CA VAL A 88 -3.67 5.94 -6.19
C VAL A 88 -4.62 6.38 -5.07
N GLU A 89 -5.91 6.11 -5.27
CA GLU A 89 -6.94 6.38 -4.26
C GLU A 89 -7.52 5.07 -3.77
N ALA A 90 -8.53 5.14 -2.91
CA ALA A 90 -9.13 3.94 -2.35
C ALA A 90 -10.09 3.25 -3.32
N GLU A 91 -10.53 3.96 -4.35
CA GLU A 91 -11.40 3.36 -5.35
C GLU A 91 -10.60 2.69 -6.45
N ASP A 92 -9.28 2.78 -6.37
CA ASP A 92 -8.41 2.13 -7.35
C ASP A 92 -8.08 0.75 -6.82
N LEU A 93 -8.53 0.50 -5.60
CA LEU A 93 -8.22 -0.75 -4.90
C LEU A 93 -8.96 -1.93 -5.55
N GLY A 94 -8.26 -3.06 -5.63
CA GLY A 94 -8.85 -4.27 -6.18
C GLY A 94 -7.78 -5.15 -6.81
N ILE A 95 -8.18 -6.31 -7.30
CA ILE A 95 -7.25 -7.22 -7.97
C ILE A 95 -7.38 -7.09 -9.49
N TYR A 96 -6.26 -6.76 -10.14
CA TYR A 96 -6.26 -6.45 -11.57
C TYR A 96 -5.92 -7.67 -12.42
N TYR A 97 -6.53 -7.76 -13.60
CA TYR A 97 -6.25 -8.85 -14.51
C TYR A 97 -5.91 -8.33 -15.91
N CYS A 98 -4.88 -8.90 -16.52
CA CYS A 98 -4.61 -8.66 -17.93
C CYS A 98 -5.28 -9.76 -18.73
N PHE A 99 -5.82 -9.39 -19.89
CA PHE A 99 -6.58 -10.33 -20.70
C PHE A 99 -6.26 -10.17 -22.18
N GLN A 100 -5.89 -11.25 -22.85
CA GLN A 100 -5.67 -11.16 -24.29
C GLN A 100 -6.80 -11.88 -25.02
N GLY A 101 -7.44 -11.18 -25.93
CA GLY A 101 -8.45 -11.77 -26.80
C GLY A 101 -7.93 -11.91 -28.22
N SER A 102 -6.62 -11.85 -28.37
CA SER A 102 -6.00 -11.79 -29.69
C SER A 102 -5.88 -13.13 -30.40
N LEU A 103 -5.59 -14.18 -29.64
CA LEU A 103 -5.54 -15.52 -30.22
C LEU A 103 -6.32 -16.54 -29.40
N VAL A 104 -7.15 -17.30 -30.10
CA VAL A 104 -7.96 -18.36 -29.51
C VAL A 104 -7.08 -19.52 -29.02
N PRO A 105 -7.32 -19.99 -27.78
CA PRO A 105 -8.28 -19.42 -26.82
C PRO A 105 -7.76 -18.17 -26.14
N PRO A 106 -8.62 -17.15 -25.97
CA PRO A 106 -8.22 -15.97 -25.21
C PRO A 106 -7.90 -16.33 -23.76
N THR A 107 -6.80 -15.82 -23.23
CA THR A 107 -6.32 -16.24 -21.93
C THR A 107 -6.25 -15.07 -20.94
N PHE A 108 -6.20 -15.40 -19.65
CA PHE A 108 -6.16 -14.39 -18.59
C PHE A 108 -4.86 -14.48 -17.82
N GLY A 109 -4.56 -13.43 -17.05
CA GLY A 109 -3.37 -13.42 -16.21
C GLY A 109 -3.69 -13.97 -14.84
N ALA A 110 -2.66 -14.10 -14.00
CA ALA A 110 -2.82 -14.68 -12.68
C ALA A 110 -3.42 -13.69 -11.69
N GLY A 111 -3.57 -12.45 -12.13
CA GLY A 111 -4.13 -11.40 -11.30
C GLY A 111 -3.10 -10.81 -10.37
N THR A 112 -3.31 -9.55 -9.99
CA THR A 112 -2.46 -8.89 -9.02
C THR A 112 -3.32 -8.14 -8.02
N LYS A 113 -3.26 -8.54 -6.76
CA LYS A 113 -4.00 -7.83 -5.73
C LYS A 113 -3.28 -6.52 -5.46
N LEU A 114 -3.98 -5.42 -5.70
CA LEU A 114 -3.45 -4.11 -5.35
C LEU A 114 -3.91 -3.84 -3.94
N GLU A 115 -2.96 -3.83 -3.02
CA GLU A 115 -3.25 -3.58 -1.62
C GLU A 115 -2.44 -2.38 -1.14
N LEU A 116 -2.69 -1.95 0.08
CA LEU A 116 -2.09 -0.72 0.57
C LEU A 116 -1.00 -1.01 1.60
N LYS A 117 0.02 -0.15 1.63
CA LYS A 117 1.08 -0.25 2.60
C LYS A 117 0.50 0.16 3.95
N ARG A 118 0.98 -0.47 5.02
CA ARG A 118 0.39 -0.19 6.33
C ARG A 118 1.36 0.64 7.17
N GLY A 119 0.85 1.67 7.82
CA GLY A 119 1.67 2.51 8.67
C GLY A 119 1.28 3.97 8.58
N GLY A 120 1.88 4.79 9.43
CA GLY A 120 1.61 6.22 9.44
C GLY A 120 0.50 6.59 10.41
N GLN A 139 -29.94 3.26 -17.30
CA GLN A 139 -28.81 2.45 -16.85
C GLN A 139 -28.79 1.10 -17.55
N VAL A 140 -27.61 0.72 -18.07
CA VAL A 140 -27.43 -0.57 -18.71
C VAL A 140 -26.97 -1.63 -17.69
N GLN A 141 -27.47 -2.86 -17.84
CA GLN A 141 -27.08 -3.97 -16.97
C GLN A 141 -27.67 -5.29 -17.48
N LEU A 142 -27.10 -6.40 -17.01
CA LEU A 142 -27.53 -7.73 -17.42
C LEU A 142 -27.84 -8.59 -16.19
N GLN A 143 -29.10 -8.99 -16.06
CA GLN A 143 -29.52 -9.77 -14.90
C GLN A 143 -29.11 -11.24 -15.07
N GLN A 144 -28.78 -11.88 -13.96
CA GLN A 144 -28.44 -13.31 -13.97
C GLN A 144 -29.28 -14.11 -12.99
N SER A 145 -29.39 -15.41 -13.27
CA SER A 145 -30.20 -16.31 -12.45
C SER A 145 -29.63 -16.47 -11.04
N GLY A 146 -30.49 -16.82 -10.10
CA GLY A 146 -30.10 -17.04 -8.72
C GLY A 146 -29.10 -18.15 -8.53
N PRO A 147 -28.48 -18.21 -7.34
CA PRO A 147 -27.44 -19.21 -7.05
C PRO A 147 -27.95 -20.65 -7.19
N GLU A 148 -27.07 -21.55 -7.62
CA GLU A 148 -27.47 -22.92 -7.87
C GLU A 148 -26.69 -23.94 -7.03
N ASP A 149 -27.43 -24.76 -6.30
CA ASP A 149 -26.84 -25.89 -5.57
C ASP A 149 -27.07 -27.15 -6.40
N VAL A 150 -26.03 -27.95 -6.58
CA VAL A 150 -26.12 -29.09 -7.49
C VAL A 150 -25.40 -30.35 -7.00
N LYS A 151 -25.76 -31.46 -7.64
CA LYS A 151 -25.21 -32.78 -7.36
C LYS A 151 -24.24 -33.18 -8.49
N PRO A 152 -23.35 -34.14 -8.22
CA PRO A 152 -22.27 -34.57 -9.13
C PRO A 152 -22.76 -35.05 -10.50
N GLY A 153 -22.81 -34.12 -11.45
CA GLY A 153 -23.23 -34.44 -12.82
C GLY A 153 -24.54 -33.83 -13.29
N ALA A 154 -25.33 -33.26 -12.39
CA ALA A 154 -26.59 -32.63 -12.79
C ALA A 154 -26.28 -31.41 -13.67
N SER A 155 -27.23 -30.99 -14.50
CA SER A 155 -27.01 -29.82 -15.34
C SER A 155 -27.29 -28.50 -14.64
N VAL A 156 -26.98 -27.40 -15.31
CA VAL A 156 -27.39 -26.08 -14.88
C VAL A 156 -27.60 -25.18 -16.10
N LYS A 157 -28.71 -24.45 -16.13
CA LYS A 157 -28.94 -23.49 -17.19
C LYS A 157 -28.92 -22.09 -16.60
N ILE A 158 -27.86 -21.33 -16.89
CA ILE A 158 -27.71 -19.99 -16.35
C ILE A 158 -28.25 -18.98 -17.35
N SER A 159 -29.11 -18.09 -16.89
CA SER A 159 -29.76 -17.13 -17.78
C SER A 159 -29.20 -15.73 -17.63
N CYS A 160 -28.86 -15.11 -18.76
CA CYS A 160 -28.42 -13.72 -18.73
C CYS A 160 -29.32 -12.86 -19.59
N LYS A 161 -30.05 -11.96 -18.95
CA LYS A 161 -31.01 -11.10 -19.65
C LYS A 161 -30.47 -9.69 -19.76
N ALA A 162 -30.37 -9.19 -21.00
CA ALA A 162 -29.79 -7.88 -21.25
C ALA A 162 -30.81 -6.76 -21.10
N SER A 163 -30.37 -5.64 -20.55
CA SER A 163 -31.22 -4.46 -20.45
C SER A 163 -30.42 -3.17 -20.63
N GLY A 164 -30.93 -2.27 -21.46
CA GLY A 164 -30.36 -0.94 -21.59
C GLY A 164 -29.54 -0.71 -22.84
N TYR A 165 -29.36 -1.75 -23.64
CA TYR A 165 -28.58 -1.64 -24.87
C TYR A 165 -29.16 -2.54 -25.97
N THR A 166 -28.51 -2.56 -27.13
CA THR A 166 -28.97 -3.40 -28.22
C THR A 166 -28.30 -4.76 -28.11
N PHE A 167 -29.08 -5.77 -27.74
CA PHE A 167 -28.56 -7.11 -27.47
C PHE A 167 -27.85 -7.73 -28.66
N THR A 168 -28.42 -7.57 -29.84
CA THR A 168 -27.92 -8.22 -31.04
C THR A 168 -26.59 -7.63 -31.53
N ASP A 169 -26.17 -6.55 -30.89
CA ASP A 169 -24.92 -5.88 -31.27
C ASP A 169 -23.70 -6.58 -30.71
N TYR A 170 -23.79 -7.03 -29.46
CA TYR A 170 -22.64 -7.54 -28.73
C TYR A 170 -22.53 -9.08 -28.74
N TYR A 171 -21.34 -9.60 -28.97
CA TYR A 171 -21.05 -11.02 -28.75
C TYR A 171 -21.25 -11.37 -27.28
N MET A 172 -21.44 -12.64 -26.96
CA MET A 172 -21.52 -12.99 -25.55
C MET A 172 -20.48 -14.02 -25.14
N ASN A 173 -19.44 -13.58 -24.42
CA ASN A 173 -18.49 -14.49 -23.79
C ASN A 173 -19.01 -14.94 -22.42
N TRP A 174 -18.53 -16.09 -21.95
CA TRP A 174 -18.78 -16.52 -20.58
C TRP A 174 -17.44 -16.77 -19.87
N VAL A 175 -17.38 -16.47 -18.58
CA VAL A 175 -16.14 -16.59 -17.83
C VAL A 175 -16.33 -17.23 -16.44
N LYS A 176 -15.56 -18.29 -16.21
CA LYS A 176 -15.56 -19.02 -14.95
C LYS A 176 -14.57 -18.41 -13.96
N GLN A 177 -14.99 -18.26 -12.71
CA GLN A 177 -14.16 -17.64 -11.68
C GLN A 177 -14.15 -18.46 -10.40
N SER A 178 -12.97 -18.92 -10.01
CA SER A 178 -12.77 -19.53 -8.70
C SER A 178 -11.68 -18.76 -7.97
N PRO A 179 -11.78 -18.67 -6.64
CA PRO A 179 -10.63 -18.18 -5.87
C PRO A 179 -9.40 -19.05 -6.14
N GLY A 180 -9.61 -20.37 -6.21
CA GLY A 180 -8.54 -21.31 -6.47
C GLY A 180 -7.92 -21.28 -7.86
N LYS A 181 -8.73 -21.50 -8.89
CA LYS A 181 -8.23 -21.58 -10.26
C LYS A 181 -8.40 -20.28 -11.06
N GLY A 182 -8.76 -19.21 -10.36
CA GLY A 182 -8.77 -17.88 -10.97
C GLY A 182 -9.75 -17.65 -12.10
N LEU A 183 -9.34 -16.89 -13.12
CA LEU A 183 -10.23 -16.59 -14.24
C LEU A 183 -9.94 -17.41 -15.49
N GLU A 184 -11.01 -17.85 -16.14
CA GLU A 184 -10.94 -18.70 -17.33
C GLU A 184 -12.08 -18.37 -18.30
N TRP A 185 -11.79 -18.39 -19.59
CA TRP A 185 -12.77 -18.04 -20.61
C TRP A 185 -13.53 -19.28 -21.08
N ILE A 186 -14.85 -19.27 -20.89
CA ILE A 186 -15.69 -20.43 -21.20
C ILE A 186 -15.95 -20.57 -22.70
N GLY A 187 -16.39 -19.50 -23.34
CA GLY A 187 -16.70 -19.51 -24.76
C GLY A 187 -17.53 -18.31 -25.16
N ASP A 188 -17.62 -18.03 -26.46
CA ASP A 188 -18.39 -16.88 -26.94
C ASP A 188 -19.49 -17.28 -27.91
N ILE A 189 -20.46 -16.39 -28.11
CA ILE A 189 -21.55 -16.64 -29.05
C ILE A 189 -22.00 -15.35 -29.75
N ASN A 190 -22.34 -15.47 -31.04
CA ASN A 190 -22.89 -14.37 -31.81
C ASN A 190 -24.41 -14.44 -31.83
N PRO A 191 -25.09 -13.41 -31.31
CA PRO A 191 -26.56 -13.35 -31.24
C PRO A 191 -27.26 -13.58 -32.57
N ASN A 192 -26.69 -13.10 -33.67
CA ASN A 192 -27.30 -13.28 -34.98
C ASN A 192 -27.48 -14.76 -35.36
N ASN A 193 -26.37 -15.43 -35.67
CA ASN A 193 -26.42 -16.79 -36.18
C ASN A 193 -26.19 -17.89 -35.14
N GLY A 194 -26.09 -17.55 -33.86
CA GLY A 194 -25.71 -18.54 -32.88
C GLY A 194 -24.28 -18.97 -33.17
N GLY A 195 -23.40 -17.99 -33.23
CA GLY A 195 -22.04 -18.12 -33.73
C GLY A 195 -21.02 -18.71 -32.75
N THR A 196 -21.48 -19.63 -31.91
CA THR A 196 -20.69 -20.14 -30.79
C THR A 196 -19.28 -20.61 -31.15
N SER A 197 -18.33 -20.25 -30.30
CA SER A 197 -16.97 -20.78 -30.34
C SER A 197 -16.55 -21.06 -28.91
N TYR A 198 -16.17 -22.31 -28.62
CA TYR A 198 -15.94 -22.74 -27.25
C TYR A 198 -14.47 -23.02 -26.95
N ASN A 199 -14.10 -22.86 -25.67
CA ASN A 199 -12.76 -23.19 -25.23
C ASN A 199 -12.54 -24.69 -25.34
N GLN A 200 -11.41 -25.08 -25.92
CA GLN A 200 -11.13 -26.50 -26.13
C GLN A 200 -10.88 -27.25 -24.83
N LYS A 201 -10.65 -26.53 -23.74
CA LYS A 201 -10.56 -27.16 -22.44
C LYS A 201 -11.95 -27.54 -21.96
N PHE A 202 -12.95 -26.80 -22.45
CA PHE A 202 -14.33 -27.09 -22.11
C PHE A 202 -14.95 -28.01 -23.16
N LYS A 203 -14.26 -28.16 -24.30
CA LYS A 203 -14.61 -29.11 -25.35
C LYS A 203 -16.05 -29.00 -25.84
N GLY A 204 -16.65 -27.83 -25.68
CA GLY A 204 -18.05 -27.66 -26.03
C GLY A 204 -18.97 -28.51 -25.18
N ARG A 205 -18.45 -29.02 -24.07
CA ARG A 205 -19.25 -29.84 -23.14
C ARG A 205 -20.24 -28.93 -22.43
N ALA A 206 -20.11 -27.64 -22.68
CA ALA A 206 -21.05 -26.64 -22.22
C ALA A 206 -21.69 -26.08 -23.48
N THR A 207 -22.85 -25.44 -23.34
CA THR A 207 -23.56 -24.98 -24.53
C THR A 207 -24.09 -23.56 -24.38
N LEU A 208 -23.70 -22.71 -25.32
CA LEU A 208 -24.18 -21.34 -25.34
C LEU A 208 -25.37 -21.20 -26.30
N THR A 209 -26.49 -20.71 -25.78
CA THR A 209 -27.69 -20.55 -26.57
C THR A 209 -28.20 -19.11 -26.43
N VAL A 210 -28.90 -18.62 -27.45
CA VAL A 210 -29.43 -17.26 -27.44
C VAL A 210 -30.85 -17.21 -27.96
N ASP A 211 -31.77 -16.73 -27.12
CA ASP A 211 -33.15 -16.44 -27.52
C ASP A 211 -33.31 -14.94 -27.70
N LYS A 212 -33.45 -14.51 -28.94
CA LYS A 212 -33.50 -13.08 -29.24
C LYS A 212 -34.85 -12.44 -28.90
N SER A 213 -35.85 -13.27 -28.66
CA SER A 213 -37.20 -12.81 -28.32
C SER A 213 -37.18 -11.88 -27.11
N SER A 214 -36.75 -12.43 -25.97
CA SER A 214 -36.66 -11.65 -24.74
C SER A 214 -35.25 -11.10 -24.55
N SER A 215 -34.40 -11.31 -25.55
CA SER A 215 -33.01 -10.91 -25.51
C SER A 215 -32.29 -11.57 -24.33
N THR A 216 -32.10 -12.88 -24.42
CA THR A 216 -31.46 -13.64 -23.37
C THR A 216 -30.39 -14.59 -23.91
N ALA A 217 -29.31 -14.72 -23.15
CA ALA A 217 -28.24 -15.66 -23.47
C ALA A 217 -28.10 -16.65 -22.34
N TYR A 218 -28.41 -17.91 -22.61
CA TYR A 218 -28.29 -18.93 -21.57
C TYR A 218 -26.95 -19.65 -21.68
N MET A 219 -26.64 -20.47 -20.68
CA MET A 219 -25.46 -21.31 -20.70
C MET A 219 -25.71 -22.64 -19.98
N GLU A 220 -25.36 -23.75 -20.62
CA GLU A 220 -25.56 -25.06 -20.02
C GLU A 220 -24.24 -25.76 -19.77
N LEU A 221 -24.19 -26.61 -18.75
CA LEU A 221 -23.05 -27.51 -18.53
C LEU A 221 -23.55 -28.76 -17.82
N ARG A 222 -23.00 -29.91 -18.19
CA ARG A 222 -23.48 -31.18 -17.65
C ARG A 222 -22.59 -31.73 -16.53
N SER A 223 -21.43 -32.26 -16.91
CA SER A 223 -20.55 -32.91 -15.94
C SER A 223 -20.04 -31.90 -14.93
N LEU A 224 -20.24 -32.20 -13.64
CA LEU A 224 -19.84 -31.29 -12.57
C LEU A 224 -18.91 -31.95 -11.58
N THR A 225 -17.74 -31.37 -11.41
CA THR A 225 -16.77 -31.84 -10.43
C THR A 225 -16.59 -30.80 -9.34
N SER A 226 -15.75 -31.10 -8.37
CA SER A 226 -15.37 -30.14 -7.34
C SER A 226 -14.85 -28.89 -8.01
N GLU A 227 -13.86 -29.08 -8.88
CA GLU A 227 -13.19 -27.99 -9.58
C GLU A 227 -14.16 -27.17 -10.45
N ASP A 228 -15.28 -27.77 -10.81
CA ASP A 228 -16.30 -27.06 -11.60
C ASP A 228 -17.07 -26.05 -10.76
N SER A 229 -16.93 -26.15 -9.44
CA SER A 229 -17.60 -25.21 -8.55
C SER A 229 -16.98 -23.83 -8.68
N SER A 230 -17.79 -22.84 -9.05
CA SER A 230 -17.29 -21.50 -9.31
C SER A 230 -18.41 -20.47 -9.45
N VAL A 231 -18.01 -19.23 -9.72
CA VAL A 231 -18.92 -18.15 -10.08
C VAL A 231 -18.85 -17.97 -11.60
N TYR A 232 -19.96 -17.61 -12.22
CA TYR A 232 -19.98 -17.53 -13.67
C TYR A 232 -20.51 -16.17 -14.14
N TYR A 233 -19.71 -15.49 -14.95
CA TYR A 233 -20.09 -14.17 -15.45
C TYR A 233 -20.29 -14.25 -16.96
N CYS A 234 -21.09 -13.33 -17.50
CA CYS A 234 -21.45 -13.38 -18.91
C CYS A 234 -20.92 -12.16 -19.67
N ALA A 235 -19.80 -12.31 -20.39
CA ALA A 235 -19.09 -11.13 -20.91
C ALA A 235 -19.82 -10.43 -22.06
N ALA A 236 -19.86 -9.10 -21.99
CA ALA A 236 -20.83 -8.30 -22.73
C ALA A 236 -20.30 -7.17 -23.60
N SER A 237 -19.60 -6.21 -23.00
CA SER A 237 -19.51 -4.84 -23.53
C SER A 237 -18.22 -4.40 -24.27
N SER A 238 -18.42 -3.42 -25.15
CA SER A 238 -17.51 -3.00 -26.23
C SER A 238 -17.31 -1.45 -26.10
N PRO A 239 -16.80 -0.73 -27.14
CA PRO A 239 -16.44 -0.87 -28.57
C PRO A 239 -15.19 -1.64 -29.05
N TYR A 240 -13.99 -1.25 -28.63
CA TYR A 240 -12.71 -1.83 -29.12
C TYR A 240 -12.73 -2.21 -30.62
N SER A 241 -12.52 -1.20 -31.48
CA SER A 241 -12.83 -1.24 -32.93
C SER A 241 -12.62 -2.54 -33.71
N MET A 242 -13.57 -2.73 -34.63
CA MET A 242 -13.71 -3.86 -35.57
C MET A 242 -13.58 -5.20 -34.85
N ARG A 243 -14.34 -5.30 -33.77
CA ARG A 243 -14.58 -6.52 -33.02
C ARG A 243 -15.49 -6.06 -31.88
N ALA A 244 -16.21 -6.98 -31.23
CA ALA A 244 -17.18 -6.56 -30.23
C ALA A 244 -17.13 -7.35 -28.92
N ALA A 245 -17.75 -6.79 -27.89
CA ALA A 245 -18.10 -7.52 -26.66
C ALA A 245 -16.97 -8.11 -25.81
N MET A 246 -16.30 -7.27 -25.02
CA MET A 246 -15.25 -7.77 -24.13
C MET A 246 -15.70 -7.89 -22.65
N ASP A 247 -16.11 -6.80 -22.02
CA ASP A 247 -16.22 -6.76 -20.56
C ASP A 247 -17.61 -6.95 -19.94
N TYR A 248 -17.62 -7.62 -18.78
CA TYR A 248 -18.84 -7.77 -17.97
C TYR A 248 -18.45 -7.50 -16.51
N TRP A 249 -18.90 -6.41 -15.86
CA TRP A 249 -19.95 -5.43 -16.27
C TRP A 249 -21.32 -6.12 -16.16
N GLY A 250 -21.46 -6.90 -15.09
CA GLY A 250 -22.75 -7.40 -14.64
C GLY A 250 -22.69 -8.28 -13.39
N GLN A 251 -23.82 -8.83 -12.99
CA GLN A 251 -23.95 -9.49 -11.69
C GLN A 251 -23.09 -10.74 -11.45
N GLY A 252 -23.32 -11.80 -12.21
CA GLY A 252 -22.63 -13.07 -12.00
C GLY A 252 -23.52 -14.07 -11.28
N THR A 253 -23.16 -15.35 -11.33
CA THR A 253 -23.95 -16.40 -10.69
C THR A 253 -23.09 -17.44 -9.95
N THR A 254 -23.32 -17.60 -8.65
CA THR A 254 -22.55 -18.57 -7.86
C THR A 254 -23.09 -19.98 -8.05
N VAL A 255 -22.25 -20.88 -8.56
CA VAL A 255 -22.62 -22.27 -8.73
C VAL A 255 -21.80 -23.15 -7.79
N THR A 256 -22.48 -23.88 -6.92
CA THR A 256 -21.81 -24.73 -5.94
C THR A 256 -22.17 -26.19 -6.17
N VAL A 257 -21.16 -27.03 -6.37
CA VAL A 257 -21.40 -28.45 -6.53
C VAL A 257 -21.35 -29.12 -5.16
N SER A 258 -22.51 -29.54 -4.68
CA SER A 258 -22.62 -30.09 -3.34
C SER A 258 -22.53 -31.62 -3.40
N ALA A 259 -21.52 -32.17 -2.73
CA ALA A 259 -21.32 -33.61 -2.68
C ALA A 259 -22.50 -34.30 -2.00
N ASP B 6 3.57 -31.22 18.25
CA ASP B 6 3.12 -29.99 17.61
C ASP B 6 1.64 -30.06 17.26
N ILE B 7 0.92 -28.96 17.44
CA ILE B 7 -0.52 -28.92 17.23
C ILE B 7 -0.88 -28.31 15.88
N VAL B 8 -1.81 -28.92 15.17
CA VAL B 8 -2.27 -28.38 13.89
C VAL B 8 -3.75 -28.02 13.95
N MET B 9 -4.07 -26.82 13.46
CA MET B 9 -5.45 -26.37 13.41
C MET B 9 -5.96 -26.48 11.98
N THR B 10 -7.06 -27.19 11.80
CA THR B 10 -7.62 -27.41 10.48
C THR B 10 -8.97 -26.72 10.35
N GLN B 11 -9.02 -25.68 9.51
CA GLN B 11 -10.24 -24.89 9.36
C GLN B 11 -10.99 -25.32 8.10
N THR B 12 -12.28 -25.60 8.27
CA THR B 12 -13.11 -26.06 7.17
C THR B 12 -14.41 -25.27 7.16
N PRO B 13 -14.85 -24.83 5.96
CA PRO B 13 -14.14 -25.01 4.69
C PRO B 13 -13.17 -23.88 4.38
N SER B 14 -12.47 -23.99 3.25
CA SER B 14 -11.53 -22.96 2.83
C SER B 14 -12.23 -21.70 2.38
N SER B 15 -13.31 -21.86 1.61
CA SER B 15 -14.13 -20.72 1.19
C SER B 15 -15.60 -21.06 1.35
N LEU B 16 -16.43 -20.08 1.71
CA LEU B 16 -17.87 -20.35 1.77
C LEU B 16 -18.73 -19.21 1.25
N PRO B 17 -19.70 -19.55 0.38
CA PRO B 17 -20.80 -18.70 -0.10
C PRO B 17 -22.04 -18.75 0.79
N VAL B 18 -22.58 -17.61 1.21
CA VAL B 18 -23.90 -17.57 1.84
C VAL B 18 -24.63 -16.29 1.46
N SER B 19 -25.88 -16.43 0.99
CA SER B 19 -26.72 -15.27 0.70
C SER B 19 -27.26 -14.67 2.00
N LEU B 20 -27.67 -13.41 1.95
CA LEU B 20 -28.12 -12.71 3.15
C LEU B 20 -29.22 -13.44 3.89
N GLY B 21 -29.12 -13.50 5.21
CA GLY B 21 -30.15 -14.09 6.06
C GLY B 21 -29.96 -15.57 6.32
N ASP B 22 -29.23 -16.24 5.44
CA ASP B 22 -29.04 -17.68 5.54
C ASP B 22 -28.07 -18.06 6.67
N GLN B 23 -28.15 -19.32 7.10
CA GLN B 23 -27.27 -19.83 8.14
C GLN B 23 -25.85 -20.03 7.60
N ALA B 24 -24.87 -19.86 8.47
CA ALA B 24 -23.48 -20.09 8.14
C ALA B 24 -22.82 -20.89 9.27
N SER B 25 -22.01 -21.89 8.89
CA SER B 25 -21.38 -22.77 9.87
C SER B 25 -19.93 -23.08 9.48
N ILE B 26 -19.01 -22.89 10.41
CA ILE B 26 -17.59 -23.15 10.18
C ILE B 26 -17.02 -24.09 11.22
N SER B 27 -16.44 -25.21 10.76
CA SER B 27 -15.84 -26.18 11.66
C SER B 27 -14.35 -25.90 11.82
N CYS B 28 -13.90 -25.84 13.06
CA CYS B 28 -12.49 -25.69 13.39
C CYS B 28 -12.09 -26.95 14.14
N ARG B 29 -11.24 -27.74 13.51
CA ARG B 29 -10.88 -29.06 14.03
C ARG B 29 -9.38 -29.15 14.35
N SER B 30 -9.06 -29.33 15.63
CA SER B 30 -7.67 -29.37 16.07
C SER B 30 -7.04 -30.75 15.83
N SER B 31 -5.78 -30.90 16.20
CA SER B 31 -5.12 -32.20 16.11
C SER B 31 -5.67 -33.10 17.22
N GLN B 32 -5.69 -32.56 18.43
CA GLN B 32 -6.34 -33.19 19.57
C GLN B 32 -6.63 -32.11 20.62
N SER B 33 -7.09 -32.52 21.80
CA SER B 33 -7.66 -31.59 22.78
C SER B 33 -6.78 -30.39 23.11
N ILE B 34 -7.36 -29.20 22.89
CA ILE B 34 -6.73 -27.93 23.18
C ILE B 34 -7.18 -27.40 24.54
N VAL B 35 -7.97 -28.20 25.26
CA VAL B 35 -8.37 -27.84 26.61
C VAL B 35 -7.15 -27.61 27.49
N HIS B 36 -7.10 -26.44 28.13
CA HIS B 36 -5.99 -26.11 29.00
C HIS B 36 -6.09 -26.94 30.28
N SER B 37 -4.93 -27.31 30.83
CA SER B 37 -4.85 -28.19 31.98
C SER B 37 -5.70 -27.73 33.16
N ASN B 38 -5.73 -26.42 33.40
CA ASN B 38 -6.52 -25.84 34.49
C ASN B 38 -8.02 -26.09 34.36
N GLY B 39 -8.47 -26.39 33.14
CA GLY B 39 -9.87 -26.64 32.89
C GLY B 39 -10.56 -25.54 32.10
N ASN B 40 -9.79 -24.59 31.58
CA ASN B 40 -10.32 -23.66 30.61
C ASN B 40 -9.99 -24.10 29.18
N THR B 41 -10.54 -23.39 28.21
CA THR B 41 -10.18 -23.59 26.81
C THR B 41 -10.10 -22.22 26.14
N TYR B 42 -8.94 -21.85 25.63
CA TYR B 42 -8.79 -20.53 25.02
C TYR B 42 -8.82 -20.65 23.51
N LEU B 43 -9.93 -20.23 22.93
CA LEU B 43 -10.14 -20.27 21.48
C LEU B 43 -10.88 -19.02 21.04
N GLU B 44 -10.41 -18.43 19.96
CA GLU B 44 -10.90 -17.15 19.49
C GLU B 44 -11.38 -17.21 18.05
N TRP B 45 -12.35 -16.36 17.74
CA TRP B 45 -12.84 -16.21 16.40
C TRP B 45 -12.62 -14.76 15.98
N TYR B 46 -11.86 -14.61 14.89
CA TYR B 46 -11.46 -13.29 14.38
C TYR B 46 -12.02 -13.07 12.99
N LEU B 47 -12.32 -11.81 12.69
CA LEU B 47 -12.84 -11.43 11.39
C LEU B 47 -11.92 -10.43 10.72
N GLN B 48 -11.35 -10.83 9.58
CA GLN B 48 -10.60 -9.89 8.77
C GLN B 48 -11.54 -9.33 7.71
N LYS B 49 -11.91 -8.06 7.86
CA LYS B 49 -12.62 -7.34 6.82
C LYS B 49 -11.54 -6.93 5.83
N PRO B 50 -11.68 -7.34 4.56
CA PRO B 50 -10.60 -7.13 3.59
C PRO B 50 -10.16 -5.67 3.52
N GLY B 51 -8.85 -5.45 3.68
CA GLY B 51 -8.29 -4.12 3.68
C GLY B 51 -8.49 -3.36 4.98
N GLN B 52 -8.37 -4.05 6.11
CA GLN B 52 -8.45 -3.41 7.44
C GLN B 52 -7.81 -4.22 8.56
N SER B 53 -7.89 -3.68 9.77
CA SER B 53 -7.40 -4.36 10.97
C SER B 53 -8.22 -5.60 11.29
N PRO B 54 -7.54 -6.71 11.60
CA PRO B 54 -8.23 -7.90 12.11
C PRO B 54 -8.84 -7.60 13.48
N LYS B 55 -10.07 -8.03 13.72
CA LYS B 55 -10.71 -7.74 15.00
C LYS B 55 -11.29 -8.98 15.64
N LEU B 56 -11.52 -8.92 16.95
CA LEU B 56 -12.02 -10.07 17.69
C LEU B 56 -13.54 -10.15 17.70
N LEU B 57 -14.03 -11.36 17.50
CA LEU B 57 -15.45 -11.64 17.58
C LEU B 57 -15.71 -12.45 18.83
N ILE B 58 -15.08 -13.62 18.92
CA ILE B 58 -15.34 -14.49 20.06
C ILE B 58 -14.08 -14.84 20.84
N TYR B 59 -14.13 -14.76 22.17
CA TYR B 59 -13.04 -15.22 23.01
C TYR B 59 -13.52 -16.35 23.93
N LYS B 60 -12.60 -17.24 24.32
CA LYS B 60 -12.92 -18.33 25.26
C LYS B 60 -14.11 -19.19 24.82
N VAL B 61 -13.93 -19.99 23.77
CA VAL B 61 -14.99 -20.89 23.33
C VAL B 61 -16.19 -20.06 22.84
N SER B 62 -17.24 -19.95 23.65
CA SER B 62 -18.47 -19.27 23.20
C SER B 62 -18.66 -17.80 23.61
N ASN B 63 -17.74 -17.24 24.40
CA ASN B 63 -17.98 -15.91 24.95
C ASN B 63 -17.72 -14.79 23.94
N ARG B 64 -18.76 -14.03 23.65
CA ARG B 64 -18.71 -12.94 22.66
C ARG B 64 -17.93 -11.71 23.13
N PHE B 65 -17.09 -11.17 22.26
CA PHE B 65 -16.39 -9.93 22.52
C PHE B 65 -17.37 -8.76 22.57
N SER B 66 -16.99 -7.69 23.25
CA SER B 66 -17.85 -6.52 23.40
C SER B 66 -18.15 -5.81 22.08
N GLY B 67 -19.41 -5.47 21.87
CA GLY B 67 -19.82 -4.73 20.69
C GLY B 67 -20.19 -5.58 19.49
N VAL B 68 -20.19 -6.90 19.69
CA VAL B 68 -20.52 -7.84 18.62
C VAL B 68 -21.99 -8.24 18.68
N PRO B 69 -22.70 -8.12 17.55
CA PRO B 69 -24.10 -8.57 17.42
C PRO B 69 -24.29 -10.00 17.88
N ASP B 70 -25.43 -10.28 18.51
CA ASP B 70 -25.68 -11.60 19.10
C ASP B 70 -25.91 -12.69 18.06
N ARG B 71 -26.08 -12.28 16.80
CA ARG B 71 -26.27 -13.24 15.71
C ARG B 71 -25.02 -14.08 15.50
N PHE B 72 -23.91 -13.65 16.10
CA PHE B 72 -22.66 -14.40 16.04
C PHE B 72 -22.51 -15.28 17.28
N SER B 73 -22.58 -16.60 17.09
CA SER B 73 -22.41 -17.51 18.22
C SER B 73 -21.80 -18.83 17.78
N GLY B 74 -20.92 -19.38 18.62
CA GLY B 74 -20.31 -20.67 18.33
C GLY B 74 -19.86 -21.33 19.60
N SER B 75 -19.82 -22.66 19.60
CA SER B 75 -19.53 -23.44 20.80
C SER B 75 -18.64 -24.63 20.45
N GLY B 76 -18.44 -25.51 21.41
CA GLY B 76 -17.69 -26.73 21.17
C GLY B 76 -16.86 -27.19 22.35
N SER B 77 -16.22 -28.34 22.20
CA SER B 77 -15.44 -28.95 23.25
C SER B 77 -14.40 -29.88 22.62
N GLY B 78 -13.36 -30.22 23.37
CA GLY B 78 -12.37 -31.15 22.86
C GLY B 78 -11.68 -30.58 21.63
N THR B 79 -11.83 -31.27 20.50
CA THR B 79 -11.26 -30.85 19.23
C THR B 79 -12.22 -29.91 18.48
N ASP B 80 -13.41 -30.41 18.19
CA ASP B 80 -14.37 -29.69 17.36
C ASP B 80 -14.87 -28.39 17.98
N PHE B 81 -14.76 -27.29 17.24
CA PHE B 81 -15.43 -26.05 17.64
C PHE B 81 -16.09 -25.43 16.42
N THR B 82 -17.36 -25.06 16.54
CA THR B 82 -18.15 -24.68 15.36
C THR B 82 -18.77 -23.30 15.52
N LEU B 83 -18.39 -22.38 14.63
CA LEU B 83 -18.93 -21.02 14.67
C LEU B 83 -20.09 -20.84 13.69
N LYS B 84 -21.24 -20.41 14.21
CA LYS B 84 -22.40 -20.13 13.38
C LYS B 84 -22.73 -18.64 13.29
N ILE B 85 -23.16 -18.21 12.11
CA ILE B 85 -23.73 -16.87 11.94
C ILE B 85 -25.05 -16.96 11.18
N SER B 86 -26.14 -16.54 11.82
CA SER B 86 -27.41 -16.41 11.12
C SER B 86 -27.63 -14.95 10.75
N ARG B 87 -28.69 -14.67 10.00
CA ARG B 87 -29.05 -13.30 9.63
C ARG B 87 -27.85 -12.51 9.11
N VAL B 88 -27.18 -13.06 8.10
CA VAL B 88 -25.96 -12.46 7.57
C VAL B 88 -26.25 -11.16 6.82
N GLU B 89 -25.48 -10.13 7.15
CA GLU B 89 -25.58 -8.84 6.46
C GLU B 89 -24.30 -8.58 5.68
N ALA B 90 -24.21 -7.40 5.08
CA ALA B 90 -23.02 -7.04 4.30
C ALA B 90 -21.90 -6.60 5.23
N GLU B 91 -22.25 -6.33 6.48
CA GLU B 91 -21.29 -5.92 7.49
C GLU B 91 -20.62 -7.12 8.14
N ASP B 92 -21.10 -8.31 7.80
CA ASP B 92 -20.55 -9.55 8.35
C ASP B 92 -19.48 -10.13 7.42
N LEU B 93 -19.31 -9.48 6.27
CA LEU B 93 -18.42 -9.99 5.22
C LEU B 93 -16.95 -9.92 5.62
N GLY B 94 -16.19 -10.93 5.24
CA GLY B 94 -14.75 -10.98 5.50
C GLY B 94 -14.23 -12.40 5.62
N ILE B 95 -12.92 -12.54 5.80
CA ILE B 95 -12.30 -13.85 5.96
C ILE B 95 -12.07 -14.14 7.45
N TYR B 96 -12.63 -15.24 7.92
CA TYR B 96 -12.62 -15.57 9.35
C TYR B 96 -11.48 -16.51 9.72
N TYR B 97 -10.94 -16.33 10.92
CA TYR B 97 -9.87 -17.20 11.42
C TYR B 97 -10.20 -17.73 12.82
N CYS B 98 -9.94 -19.01 13.03
CA CYS B 98 -9.97 -19.56 14.39
C CYS B 98 -8.55 -19.52 14.94
N PHE B 99 -8.44 -19.23 16.24
CA PHE B 99 -7.14 -19.07 16.87
C PHE B 99 -7.09 -19.69 18.26
N GLN B 100 -6.13 -20.57 18.50
CA GLN B 100 -6.00 -21.11 19.85
C GLN B 100 -4.75 -20.55 20.51
N GLY B 101 -4.93 -19.99 21.70
CA GLY B 101 -3.80 -19.54 22.50
C GLY B 101 -3.59 -20.48 23.66
N SER B 102 -4.17 -21.68 23.53
CA SER B 102 -4.24 -22.64 24.62
C SER B 102 -2.95 -23.44 24.84
N LEU B 103 -2.29 -23.82 23.75
CA LEU B 103 -1.02 -24.53 23.85
C LEU B 103 0.06 -23.94 22.95
N VAL B 104 1.24 -23.74 23.53
CA VAL B 104 2.40 -23.24 22.81
C VAL B 104 2.91 -24.26 21.78
N PRO B 105 3.17 -23.80 20.54
CA PRO B 105 2.90 -22.44 20.07
C PRO B 105 1.42 -22.22 19.77
N PRO B 106 0.88 -21.05 20.14
CA PRO B 106 -0.51 -20.77 19.79
C PRO B 106 -0.68 -20.74 18.27
N THR B 107 -1.72 -21.38 17.77
CA THR B 107 -1.85 -21.58 16.33
C THR B 107 -3.12 -20.96 15.76
N PHE B 108 -3.11 -20.74 14.45
CA PHE B 108 -4.24 -20.15 13.74
C PHE B 108 -4.86 -21.16 12.77
N GLY B 109 -6.00 -20.80 12.19
CA GLY B 109 -6.64 -21.64 11.19
C GLY B 109 -6.21 -21.25 9.79
N ALA B 110 -6.65 -22.01 8.80
CA ALA B 110 -6.28 -21.74 7.41
C ALA B 110 -7.10 -20.59 6.84
N GLY B 111 -8.08 -20.15 7.62
CA GLY B 111 -8.95 -19.05 7.24
C GLY B 111 -10.08 -19.49 6.33
N THR B 112 -11.18 -18.77 6.37
CA THR B 112 -12.30 -19.03 5.48
C THR B 112 -12.84 -17.72 4.91
N LYS B 113 -12.72 -17.54 3.59
CA LYS B 113 -13.28 -16.36 2.98
C LYS B 113 -14.79 -16.51 2.94
N LEU B 114 -15.49 -15.59 3.60
CA LEU B 114 -16.94 -15.56 3.56
C LEU B 114 -17.33 -14.62 2.44
N GLU B 115 -17.94 -15.19 1.41
CA GLU B 115 -18.38 -14.42 0.25
C GLU B 115 -19.88 -14.63 0.02
N LEU B 116 -20.45 -13.83 -0.86
CA LEU B 116 -21.89 -13.80 -1.04
C LEU B 116 -22.27 -14.49 -2.33
N LYS B 117 -23.44 -15.11 -2.34
CA LYS B 117 -23.94 -15.81 -3.52
C LYS B 117 -24.31 -14.78 -4.58
N ARG B 118 -24.10 -15.13 -5.85
CA ARG B 118 -24.30 -14.19 -6.94
C ARG B 118 -25.54 -14.51 -7.75
N GLY B 119 -26.29 -13.47 -8.11
CA GLY B 119 -27.49 -13.63 -8.92
C GLY B 119 -28.73 -13.22 -8.17
N GLY B 120 -29.83 -13.08 -8.89
CA GLY B 120 -31.09 -12.67 -8.29
C GLY B 120 -31.26 -11.16 -8.36
N GLN B 139 -10.97 7.47 22.52
CA GLN B 139 -10.79 6.35 21.59
C GLN B 139 -9.46 5.62 21.85
N VAL B 140 -9.54 4.31 21.95
CA VAL B 140 -8.35 3.48 22.14
C VAL B 140 -7.81 3.00 20.79
N GLN B 141 -6.48 2.94 20.66
CA GLN B 141 -5.83 2.45 19.45
C GLN B 141 -4.32 2.33 19.64
N LEU B 142 -3.69 1.56 18.76
CA LEU B 142 -2.25 1.37 18.81
C LEU B 142 -1.66 1.68 17.43
N GLN B 143 -0.85 2.74 17.35
CA GLN B 143 -0.27 3.14 16.08
C GLN B 143 0.96 2.30 15.76
N GLN B 144 1.18 2.07 14.47
CA GLN B 144 2.37 1.34 14.05
C GLN B 144 3.14 2.16 13.04
N SER B 145 4.44 1.91 12.95
CA SER B 145 5.32 2.68 12.09
C SER B 145 4.96 2.53 10.62
N GLY B 146 5.33 3.52 9.82
CA GLY B 146 5.08 3.49 8.39
C GLY B 146 5.75 2.32 7.73
N PRO B 147 5.37 2.01 6.49
CA PRO B 147 5.90 0.84 5.78
C PRO B 147 7.42 0.89 5.62
N GLU B 148 8.06 -0.27 5.63
CA GLU B 148 9.51 -0.33 5.55
C GLU B 148 9.95 -1.10 4.31
N ASP B 149 10.71 -0.44 3.45
CA ASP B 149 11.35 -1.11 2.33
C ASP B 149 12.80 -1.36 2.68
N VAL B 150 13.26 -2.59 2.43
CA VAL B 150 14.59 -3.01 2.85
C VAL B 150 15.26 -3.94 1.85
N LYS B 151 16.58 -4.05 1.98
CA LYS B 151 17.38 -4.93 1.14
C LYS B 151 17.54 -6.25 1.88
N PRO B 152 17.81 -7.34 1.15
CA PRO B 152 17.89 -8.63 1.84
C PRO B 152 18.97 -8.65 2.93
N GLY B 153 18.57 -9.00 4.15
CA GLY B 153 19.51 -9.15 5.25
C GLY B 153 19.50 -8.03 6.28
N ALA B 154 18.97 -6.88 5.90
CA ALA B 154 18.91 -5.71 6.79
C ALA B 154 17.96 -5.94 7.97
N SER B 155 18.14 -5.20 9.06
CA SER B 155 17.22 -5.31 10.18
C SER B 155 15.98 -4.45 9.97
N VAL B 156 15.00 -4.60 10.86
CA VAL B 156 13.88 -3.67 10.91
C VAL B 156 13.36 -3.53 12.34
N LYS B 157 13.13 -2.29 12.78
CA LYS B 157 12.55 -2.05 14.09
C LYS B 157 11.16 -1.43 13.95
N ILE B 158 10.13 -2.20 14.25
CA ILE B 158 8.74 -1.74 14.14
C ILE B 158 8.23 -1.23 15.48
N SER B 159 7.61 -0.05 15.48
CA SER B 159 7.14 0.57 16.72
C SER B 159 5.63 0.44 16.86
N CYS B 160 5.18 0.01 18.03
CA CYS B 160 3.76 -0.08 18.33
C CYS B 160 3.48 0.80 19.55
N LYS B 161 2.77 1.90 19.34
CA LYS B 161 2.52 2.86 20.41
C LYS B 161 1.06 2.83 20.87
N ALA B 162 0.86 2.55 22.16
CA ALA B 162 -0.47 2.41 22.72
C ALA B 162 -1.09 3.74 23.16
N SER B 163 -2.39 3.88 22.94
CA SER B 163 -3.14 5.02 23.42
C SER B 163 -4.56 4.61 23.81
N GLY B 164 -5.02 5.06 24.99
CA GLY B 164 -6.40 4.88 25.37
C GLY B 164 -6.67 3.81 26.41
N TYR B 165 -5.63 3.08 26.82
CA TYR B 165 -5.76 2.03 27.82
C TYR B 165 -4.54 1.97 28.71
N THR B 166 -4.51 1.03 29.65
CA THR B 166 -3.37 0.90 30.54
C THR B 166 -2.37 -0.05 29.89
N PHE B 167 -1.24 0.51 29.43
CA PHE B 167 -0.25 -0.25 28.69
C PHE B 167 0.29 -1.44 29.46
N THR B 168 0.57 -1.25 30.75
CA THR B 168 1.21 -2.28 31.55
C THR B 168 0.29 -3.45 31.89
N ASP B 169 -0.99 -3.31 31.57
CA ASP B 169 -1.96 -4.37 31.85
C ASP B 169 -1.96 -5.49 30.80
N TYR B 170 -1.84 -5.11 29.53
CA TYR B 170 -1.98 -6.05 28.43
C TYR B 170 -0.63 -6.57 27.93
N TYR B 171 -0.56 -7.88 27.71
CA TYR B 171 0.57 -8.50 27.04
C TYR B 171 0.66 -7.94 25.61
N MET B 172 1.83 -8.04 24.98
CA MET B 172 1.88 -7.65 23.60
C MET B 172 2.33 -8.84 22.76
N ASN B 173 1.38 -9.46 22.07
CA ASN B 173 1.70 -10.46 21.07
C ASN B 173 2.03 -9.74 19.77
N TRP B 174 2.79 -10.39 18.90
CA TRP B 174 2.99 -9.90 17.55
C TRP B 174 2.55 -10.98 16.57
N VAL B 175 1.95 -10.57 15.45
CA VAL B 175 1.42 -11.54 14.51
C VAL B 175 1.77 -11.17 13.07
N LYS B 176 2.38 -12.13 12.38
CA LYS B 176 2.78 -11.99 10.99
C LYS B 176 1.64 -12.35 10.06
N GLN B 177 1.44 -11.54 9.02
CA GLN B 177 0.37 -11.75 8.07
C GLN B 177 0.90 -11.71 6.65
N SER B 178 0.78 -12.82 5.95
CA SER B 178 1.09 -12.83 4.53
C SER B 178 -0.12 -13.30 3.75
N PRO B 179 -0.32 -12.76 2.53
CA PRO B 179 -1.32 -13.37 1.66
C PRO B 179 -0.96 -14.83 1.39
N GLY B 180 0.34 -15.09 1.18
CA GLY B 180 0.83 -16.43 0.92
C GLY B 180 0.78 -17.44 2.06
N LYS B 181 1.47 -17.14 3.15
CA LYS B 181 1.58 -18.07 4.28
C LYS B 181 0.63 -17.74 5.44
N GLY B 182 -0.32 -16.84 5.18
CA GLY B 182 -1.38 -16.56 6.13
C GLY B 182 -0.98 -15.93 7.45
N LEU B 183 -1.62 -16.34 8.53
CA LEU B 183 -1.34 -15.76 9.85
C LEU B 183 -0.48 -16.65 10.74
N GLU B 184 0.46 -16.02 11.45
CA GLU B 184 1.40 -16.71 12.32
C GLU B 184 1.74 -15.85 13.54
N TRP B 185 1.87 -16.51 14.69
CA TRP B 185 2.15 -15.82 15.94
C TRP B 185 3.65 -15.68 16.16
N ILE B 186 4.12 -14.44 16.24
CA ILE B 186 5.55 -14.14 16.36
C ILE B 186 6.09 -14.40 17.77
N GLY B 187 5.41 -13.83 18.76
CA GLY B 187 5.81 -13.97 20.15
C GLY B 187 5.12 -12.92 20.99
N ASP B 188 5.12 -13.09 22.31
CA ASP B 188 4.45 -12.13 23.18
C ASP B 188 5.40 -11.55 24.21
N ILE B 189 5.01 -10.42 24.80
CA ILE B 189 5.82 -9.81 25.85
C ILE B 189 4.94 -9.18 26.93
N ASN B 190 5.36 -9.32 28.18
CA ASN B 190 4.69 -8.71 29.33
C ASN B 190 5.33 -7.40 29.72
N PRO B 191 4.57 -6.30 29.65
CA PRO B 191 5.07 -4.95 29.95
C PRO B 191 5.74 -4.80 31.31
N ASN B 192 5.28 -5.52 32.34
CA ASN B 192 5.89 -5.43 33.65
C ASN B 192 7.37 -5.77 33.67
N ASN B 193 7.68 -7.06 33.50
CA ASN B 193 9.06 -7.54 33.62
C ASN B 193 9.74 -7.64 32.27
N GLY B 194 9.04 -7.22 31.22
CA GLY B 194 9.49 -7.39 29.86
C GLY B 194 9.64 -8.87 29.57
N GLY B 195 8.66 -9.66 30.03
CA GLY B 195 8.77 -11.10 29.94
C GLY B 195 8.48 -11.52 28.51
N THR B 196 9.37 -12.31 27.91
CA THR B 196 9.22 -12.62 26.50
C THR B 196 9.02 -14.11 26.29
N SER B 197 8.11 -14.46 25.38
CA SER B 197 7.95 -15.85 24.94
C SER B 197 7.80 -15.86 23.43
N TYR B 198 8.69 -16.57 22.76
CA TYR B 198 8.78 -16.52 21.30
C TYR B 198 8.39 -17.84 20.65
N ASN B 199 7.92 -17.75 19.41
CA ASN B 199 7.60 -18.93 18.62
C ASN B 199 8.86 -19.71 18.27
N GLN B 200 8.83 -21.02 18.46
CA GLN B 200 10.00 -21.87 18.23
C GLN B 200 10.39 -21.95 16.75
N LYS B 201 9.50 -21.56 15.86
CA LYS B 201 9.85 -21.48 14.44
C LYS B 201 10.70 -20.24 14.21
N PHE B 202 10.53 -19.24 15.08
CA PHE B 202 11.32 -18.03 15.00
C PHE B 202 12.58 -18.16 15.87
N LYS B 203 12.61 -19.18 16.72
CA LYS B 203 13.79 -19.53 17.52
C LYS B 203 14.36 -18.34 18.29
N GLY B 204 13.50 -17.37 18.60
CA GLY B 204 13.92 -16.16 19.27
C GLY B 204 14.85 -15.30 18.43
N ARG B 205 14.87 -15.55 17.11
CA ARG B 205 15.71 -14.76 16.20
C ARG B 205 15.16 -13.34 16.03
N ALA B 206 14.01 -13.08 16.63
CA ALA B 206 13.44 -11.74 16.67
C ALA B 206 13.43 -11.29 18.13
N THR B 207 13.29 -9.98 18.37
CA THR B 207 13.38 -9.48 19.73
C THR B 207 12.26 -8.52 20.08
N LEU B 208 11.54 -8.83 21.15
CA LEU B 208 10.48 -7.96 21.64
C LEU B 208 10.98 -7.07 22.78
N THR B 209 10.78 -5.76 22.64
CA THR B 209 11.25 -4.79 23.61
C THR B 209 10.10 -3.90 24.07
N VAL B 210 10.20 -3.34 25.27
CA VAL B 210 9.15 -2.49 25.83
C VAL B 210 9.70 -1.23 26.47
N ASP B 211 9.27 -0.08 25.97
CA ASP B 211 9.55 1.21 26.59
C ASP B 211 8.32 1.70 27.34
N LYS B 212 8.36 1.66 28.66
CA LYS B 212 7.19 2.02 29.47
C LYS B 212 7.02 3.53 29.63
N SER B 213 8.09 4.29 29.34
CA SER B 213 8.06 5.74 29.46
C SER B 213 6.99 6.35 28.57
N SER B 214 7.10 6.11 27.27
CA SER B 214 6.15 6.62 26.29
C SER B 214 5.09 5.56 25.99
N SER B 215 5.17 4.45 26.73
CA SER B 215 4.27 3.31 26.54
C SER B 215 4.37 2.78 25.11
N THR B 216 5.51 2.18 24.79
CA THR B 216 5.73 1.65 23.45
C THR B 216 6.32 0.24 23.49
N ALA B 217 5.88 -0.61 22.58
CA ALA B 217 6.41 -1.95 22.42
C ALA B 217 6.96 -2.10 21.02
N TYR B 218 8.29 -2.24 20.91
CA TYR B 218 8.90 -2.38 19.60
C TYR B 218 9.11 -3.84 19.25
N MET B 219 9.54 -4.09 18.01
CA MET B 219 9.88 -5.43 17.56
C MET B 219 11.04 -5.40 16.58
N GLU B 220 12.05 -6.24 16.80
CA GLU B 220 13.21 -6.27 15.92
C GLU B 220 13.36 -7.62 15.20
N LEU B 221 13.88 -7.58 13.98
CA LEU B 221 14.25 -8.78 13.24
C LEU B 221 15.38 -8.48 12.27
N ARG B 222 16.30 -9.43 12.10
CA ARG B 222 17.48 -9.26 11.25
C ARG B 222 17.35 -9.94 9.88
N SER B 223 17.44 -11.26 9.86
CA SER B 223 17.47 -12.01 8.61
C SER B 223 16.20 -11.85 7.80
N LEU B 224 16.34 -11.45 6.54
CA LEU B 224 15.19 -11.20 5.68
C LEU B 224 15.24 -12.04 4.41
N THR B 225 14.20 -12.84 4.22
CA THR B 225 14.06 -13.63 3.01
C THR B 225 12.86 -13.16 2.19
N SER B 226 12.64 -13.82 1.06
CA SER B 226 11.46 -13.57 0.24
C SER B 226 10.20 -13.75 1.09
N GLU B 227 10.12 -14.91 1.73
CA GLU B 227 8.97 -15.31 2.53
C GLU B 227 8.68 -14.37 3.71
N ASP B 228 9.69 -13.60 4.11
CA ASP B 228 9.57 -12.65 5.22
C ASP B 228 8.73 -11.42 4.85
N SER B 229 8.43 -11.24 3.57
CA SER B 229 7.63 -10.10 3.16
C SER B 229 6.22 -10.28 3.68
N SER B 230 5.76 -9.32 4.48
CA SER B 230 4.47 -9.45 5.14
C SER B 230 4.00 -8.14 5.79
N VAL B 231 2.83 -8.21 6.41
CA VAL B 231 2.30 -7.18 7.28
C VAL B 231 2.49 -7.65 8.71
N TYR B 232 2.76 -6.73 9.63
CA TYR B 232 3.04 -7.10 11.01
C TYR B 232 2.12 -6.36 11.95
N TYR B 233 1.39 -7.12 12.78
CA TYR B 233 0.45 -6.52 13.70
C TYR B 233 0.91 -6.72 15.13
N CYS B 234 0.47 -5.84 16.02
CA CYS B 234 0.94 -5.82 17.41
C CYS B 234 -0.20 -6.20 18.34
N ALA B 235 -0.28 -7.46 18.74
CA ALA B 235 -1.51 -7.94 19.41
C ALA B 235 -1.67 -7.40 20.82
N ALA B 236 -2.90 -6.98 21.13
CA ALA B 236 -3.14 -6.07 22.25
C ALA B 236 -4.20 -6.49 23.28
N SER B 237 -5.44 -6.70 22.83
CA SER B 237 -6.62 -6.56 23.69
C SER B 237 -7.28 -7.83 24.25
N SER B 238 -7.94 -7.63 25.40
CA SER B 238 -8.40 -8.62 26.36
C SER B 238 -9.90 -8.29 26.64
N PRO B 239 -10.52 -8.74 27.77
CA PRO B 239 -10.23 -9.44 29.04
C PRO B 239 -9.92 -10.94 29.09
N TYR B 240 -10.85 -11.76 28.63
CA TYR B 240 -10.80 -13.23 28.72
C TYR B 240 -10.14 -13.85 29.99
N SER B 241 -10.79 -13.68 31.15
CA SER B 241 -10.66 -14.66 32.24
C SER B 241 -9.27 -15.09 32.71
N MET B 242 -8.66 -14.30 33.60
CA MET B 242 -7.35 -14.61 34.23
C MET B 242 -6.28 -14.97 33.21
N ARG B 243 -6.14 -14.07 32.24
CA ARG B 243 -5.08 -14.07 31.24
C ARG B 243 -5.37 -12.82 30.43
N ALA B 244 -4.39 -12.31 29.69
CA ALA B 244 -4.61 -11.02 29.03
C ALA B 244 -4.17 -10.97 27.56
N ALA B 245 -4.65 -9.94 26.87
CA ALA B 245 -4.11 -9.52 25.57
C ALA B 245 -4.18 -10.52 24.42
N MET B 246 -5.36 -10.66 23.81
CA MET B 246 -5.50 -11.54 22.66
C MET B 246 -5.51 -10.77 21.33
N ASP B 247 -6.46 -9.86 21.14
CA ASP B 247 -6.76 -9.31 19.80
C ASP B 247 -6.20 -7.93 19.47
N TYR B 248 -5.84 -7.76 18.21
CA TYR B 248 -5.42 -6.47 17.66
C TYR B 248 -6.10 -6.26 16.30
N TRP B 249 -7.03 -5.31 16.13
CA TRP B 249 -7.40 -4.17 17.01
C TRP B 249 -6.25 -3.14 16.98
N GLY B 250 -5.72 -2.96 15.77
CA GLY B 250 -4.86 -1.83 15.45
C GLY B 250 -4.33 -1.82 14.02
N GLN B 251 -3.45 -0.86 13.72
CA GLN B 251 -3.06 -0.56 12.34
C GLN B 251 -2.34 -1.68 11.57
N GLY B 252 -1.12 -2.02 11.97
CA GLY B 252 -0.31 -2.98 11.24
C GLY B 252 0.75 -2.27 10.40
N THR B 253 1.78 -2.99 9.96
CA THR B 253 2.85 -2.42 9.15
C THR B 253 3.29 -3.32 8.00
N THR B 254 3.19 -2.82 6.77
CA THR B 254 3.59 -3.61 5.61
C THR B 254 5.11 -3.58 5.47
N VAL B 255 5.73 -4.75 5.57
CA VAL B 255 7.18 -4.86 5.40
C VAL B 255 7.49 -5.65 4.14
N THR B 256 8.25 -5.02 3.24
CA THR B 256 8.58 -5.60 1.95
C THR B 256 10.09 -5.80 1.83
N VAL B 257 10.51 -7.02 1.53
CA VAL B 257 11.93 -7.24 1.31
C VAL B 257 12.19 -7.04 -0.17
N SER B 258 12.82 -5.91 -0.49
CA SER B 258 13.10 -5.52 -1.86
C SER B 258 14.52 -5.87 -2.26
N ALA B 259 14.67 -6.70 -3.29
CA ALA B 259 15.99 -7.08 -3.77
C ALA B 259 16.75 -5.85 -4.26
N ASP C 6 21.08 5.36 9.22
CA ASP C 6 20.82 6.80 9.10
C ASP C 6 22.09 7.61 9.29
N ILE C 7 22.23 8.67 8.49
CA ILE C 7 23.41 9.50 8.54
C ILE C 7 23.10 10.73 9.38
N VAL C 8 24.02 11.11 10.27
CA VAL C 8 23.81 12.30 11.07
C VAL C 8 24.89 13.32 10.72
N MET C 9 24.48 14.56 10.54
CA MET C 9 25.42 15.61 10.21
C MET C 9 25.73 16.38 11.47
N THR C 10 27.00 16.45 11.83
CA THR C 10 27.39 17.13 13.05
C THR C 10 28.15 18.39 12.68
N GLN C 11 27.52 19.52 12.93
CA GLN C 11 28.06 20.82 12.54
C GLN C 11 28.68 21.50 13.75
N THR C 12 29.92 21.96 13.59
CA THR C 12 30.64 22.60 14.67
C THR C 12 31.28 23.90 14.16
N PRO C 13 31.18 24.98 14.95
CA PRO C 13 30.42 25.05 16.22
C PRO C 13 28.97 25.46 16.02
N SER C 14 28.21 25.54 17.11
CA SER C 14 26.82 25.98 17.05
C SER C 14 26.74 27.48 16.78
N SER C 15 27.63 28.24 17.42
CA SER C 15 27.73 29.68 17.22
C SER C 15 29.19 30.08 17.05
N LEU C 16 29.46 31.11 16.25
CA LEU C 16 30.84 31.60 16.14
C LEU C 16 30.92 33.14 16.12
N PRO C 17 31.83 33.69 16.94
CA PRO C 17 32.32 35.06 17.14
C PRO C 17 33.55 35.48 16.33
N VAL C 18 33.40 36.04 15.13
CA VAL C 18 34.57 36.59 14.45
C VAL C 18 34.31 37.95 13.79
N SER C 19 35.18 38.91 14.10
CA SER C 19 35.15 40.25 13.55
C SER C 19 35.64 40.32 12.11
N LEU C 20 35.29 41.41 11.42
CA LEU C 20 35.58 41.59 9.99
C LEU C 20 37.05 41.39 9.58
N GLY C 21 37.24 40.71 8.45
CA GLY C 21 38.55 40.52 7.86
C GLY C 21 39.25 39.25 8.31
N ASP C 22 38.88 38.77 9.49
CA ASP C 22 39.51 37.58 10.06
C ASP C 22 39.03 36.31 9.36
N GLN C 23 39.81 35.24 9.51
CA GLN C 23 39.45 33.97 8.92
C GLN C 23 38.26 33.36 9.65
N ALA C 24 37.45 32.59 8.93
CA ALA C 24 36.31 31.89 9.51
C ALA C 24 36.28 30.44 9.03
N SER C 25 35.99 29.52 9.95
CA SER C 25 36.01 28.10 9.64
C SER C 25 34.86 27.34 10.29
N ILE C 26 34.16 26.54 9.50
CA ILE C 26 33.06 25.72 9.99
C ILE C 26 33.29 24.26 9.60
N SER C 27 33.36 23.39 10.60
CA SER C 27 33.58 21.97 10.35
C SER C 27 32.26 21.20 10.32
N CYS C 28 32.09 20.41 9.26
CA CYS C 28 30.94 19.52 9.14
C CYS C 28 31.43 18.08 9.08
N ARG C 29 31.11 17.33 10.13
CA ARG C 29 31.53 15.94 10.26
C ARG C 29 30.31 15.01 10.31
N SER C 30 30.21 14.13 9.33
CA SER C 30 29.06 13.23 9.23
C SER C 30 29.20 12.02 10.14
N SER C 31 28.19 11.16 10.10
CA SER C 31 28.23 9.89 10.82
C SER C 31 29.20 8.95 10.14
N GLN C 32 29.11 8.92 8.82
CA GLN C 32 30.04 8.13 8.00
C GLN C 32 30.11 8.72 6.60
N SER C 33 30.84 8.05 5.71
CA SER C 33 31.16 8.59 4.40
C SER C 33 29.90 9.01 3.62
N ILE C 34 29.87 10.27 3.22
CA ILE C 34 28.77 10.78 2.42
C ILE C 34 29.13 10.75 0.93
N VAL C 35 30.28 10.17 0.60
CA VAL C 35 30.61 9.95 -0.81
C VAL C 35 29.51 9.10 -1.45
N HIS C 36 28.94 9.59 -2.54
CA HIS C 36 27.90 8.86 -3.24
C HIS C 36 28.52 7.68 -3.99
N SER C 37 27.76 6.60 -4.12
CA SER C 37 28.26 5.35 -4.70
C SER C 37 28.93 5.53 -6.06
N ASN C 38 28.36 6.40 -6.90
CA ASN C 38 28.92 6.67 -8.23
C ASN C 38 30.33 7.24 -8.17
N GLY C 39 30.70 7.80 -7.02
CA GLY C 39 32.02 8.37 -6.83
C GLY C 39 32.06 9.89 -6.76
N ASN C 40 30.89 10.52 -6.69
CA ASN C 40 30.84 11.93 -6.33
C ASN C 40 30.51 12.07 -4.85
N THR C 41 30.50 13.32 -4.37
CA THR C 41 30.08 13.60 -3.01
C THR C 41 29.21 14.83 -3.00
N TYR C 42 27.97 14.67 -2.55
CA TYR C 42 27.04 15.79 -2.58
C TYR C 42 26.90 16.41 -1.21
N LEU C 43 27.51 17.58 -1.04
CA LEU C 43 27.46 18.33 0.18
C LEU C 43 27.36 19.80 -0.17
N GLU C 44 26.45 20.49 0.49
CA GLU C 44 26.14 21.87 0.16
C GLU C 44 26.29 22.78 1.36
N TRP C 45 26.61 24.04 1.07
CA TRP C 45 26.73 25.04 2.11
C TRP C 45 25.72 26.13 1.81
N TYR C 46 24.86 26.37 2.80
CA TYR C 46 23.75 27.30 2.69
C TYR C 46 23.90 28.43 3.70
N LEU C 47 23.42 29.62 3.34
CA LEU C 47 23.46 30.77 4.23
C LEU C 47 22.04 31.26 4.49
N GLN C 48 21.62 31.18 5.74
CA GLN C 48 20.36 31.78 6.13
C GLN C 48 20.63 33.17 6.70
N LYS C 49 20.25 34.20 5.94
CA LYS C 49 20.26 35.56 6.45
C LYS C 49 18.98 35.74 7.24
N PRO C 50 19.10 36.12 8.53
CA PRO C 50 17.92 36.19 9.40
C PRO C 50 16.83 37.05 8.79
N GLY C 51 15.63 36.50 8.69
CA GLY C 51 14.51 37.20 8.09
C GLY C 51 14.62 37.21 6.57
N GLN C 52 15.04 36.10 5.98
CA GLN C 52 15.09 35.96 4.52
C GLN C 52 15.11 34.51 4.05
N SER C 53 15.15 34.35 2.74
CA SER C 53 15.27 33.05 2.09
C SER C 53 16.64 32.41 2.32
N PRO C 54 16.66 31.10 2.63
CA PRO C 54 17.91 30.36 2.67
C PRO C 54 18.52 30.35 1.28
N LYS C 55 19.83 30.53 1.15
CA LYS C 55 20.45 30.62 -0.16
C LYS C 55 21.58 29.62 -0.34
N LEU C 56 21.91 29.30 -1.58
CA LEU C 56 22.99 28.36 -1.84
C LEU C 56 24.32 29.07 -1.95
N LEU C 57 25.33 28.52 -1.29
CA LEU C 57 26.68 29.03 -1.42
C LEU C 57 27.50 28.01 -2.19
N ILE C 58 27.61 26.81 -1.63
CA ILE C 58 28.45 25.79 -2.26
C ILE C 58 27.68 24.52 -2.61
N TYR C 59 27.87 24.02 -3.82
CA TYR C 59 27.35 22.72 -4.23
C TYR C 59 28.52 21.80 -4.63
N LYS C 60 28.32 20.49 -4.49
CA LYS C 60 29.32 19.47 -4.84
C LYS C 60 30.67 19.73 -4.14
N VAL C 61 30.52 20.07 -2.87
CA VAL C 61 31.56 20.24 -1.85
C VAL C 61 32.54 21.42 -2.00
N SER C 62 33.07 21.67 -3.19
CA SER C 62 33.92 22.84 -3.37
C SER C 62 33.35 23.92 -4.28
N ASN C 63 32.27 23.60 -4.98
CA ASN C 63 31.81 24.46 -6.07
C ASN C 63 30.87 25.59 -5.65
N ARG C 64 31.30 26.82 -5.90
CA ARG C 64 30.53 28.01 -5.54
C ARG C 64 29.33 28.20 -6.47
N PHE C 65 28.18 28.52 -5.88
CA PHE C 65 26.99 28.86 -6.66
C PHE C 65 27.19 30.19 -7.38
N SER C 66 26.40 30.42 -8.43
CA SER C 66 26.51 31.64 -9.22
C SER C 66 26.16 32.88 -8.39
N GLY C 67 26.98 33.92 -8.50
CA GLY C 67 26.74 35.17 -7.82
C GLY C 67 27.38 35.21 -6.44
N VAL C 68 28.12 34.16 -6.10
CA VAL C 68 28.79 34.10 -4.80
C VAL C 68 30.25 34.53 -4.90
N PRO C 69 30.64 35.50 -4.06
CA PRO C 69 32.03 35.96 -3.94
C PRO C 69 33.01 34.82 -3.67
N ASP C 70 34.21 34.91 -4.23
CA ASP C 70 35.20 33.84 -4.15
C ASP C 70 35.81 33.70 -2.76
N ARG C 71 35.53 34.66 -1.88
CA ARG C 71 36.03 34.61 -0.51
C ARG C 71 35.40 33.43 0.26
N PHE C 72 34.34 32.85 -0.31
CA PHE C 72 33.72 31.67 0.26
C PHE C 72 34.33 30.44 -0.41
N SER C 73 35.06 29.65 0.35
CA SER C 73 35.66 28.44 -0.23
C SER C 73 35.73 27.35 0.81
N GLY C 74 35.49 26.11 0.38
CA GLY C 74 35.49 25.00 1.29
C GLY C 74 35.86 23.69 0.64
N SER C 75 36.39 22.78 1.45
CA SER C 75 37.00 21.55 0.94
C SER C 75 36.64 20.33 1.79
N GLY C 76 37.32 19.23 1.52
CA GLY C 76 37.14 18.02 2.30
C GLY C 76 36.59 16.81 1.55
N SER C 77 36.59 15.67 2.23
CA SER C 77 36.22 14.40 1.66
C SER C 77 35.73 13.45 2.75
N GLY C 78 35.07 12.37 2.33
CA GLY C 78 34.68 11.34 3.29
C GLY C 78 33.70 11.95 4.26
N THR C 79 34.12 12.00 5.51
CA THR C 79 33.37 12.60 6.59
C THR C 79 33.66 14.10 6.61
N ASP C 80 34.93 14.46 6.75
CA ASP C 80 35.30 15.85 6.99
C ASP C 80 35.01 16.81 5.83
N PHE C 81 34.26 17.87 6.11
CA PHE C 81 34.12 18.96 5.13
C PHE C 81 34.16 20.32 5.83
N THR C 82 34.98 21.23 5.32
CA THR C 82 35.25 22.48 6.02
C THR C 82 34.97 23.69 5.16
N LEU C 83 34.04 24.53 5.60
CA LEU C 83 33.75 25.77 4.87
C LEU C 83 34.51 26.92 5.51
N LYS C 84 35.37 27.56 4.72
CA LYS C 84 36.15 28.69 5.17
C LYS C 84 35.71 29.99 4.47
N ILE C 85 35.71 31.09 5.22
CA ILE C 85 35.49 32.43 4.67
C ILE C 85 36.52 33.44 5.18
N SER C 86 37.26 34.06 4.26
CA SER C 86 38.13 35.16 4.66
C SER C 86 37.41 36.47 4.37
N ARG C 87 38.02 37.58 4.79
CA ARG C 87 37.48 38.92 4.53
C ARG C 87 35.98 39.04 4.86
N VAL C 88 35.61 38.72 6.10
CA VAL C 88 34.20 38.71 6.47
C VAL C 88 33.63 40.13 6.52
N GLU C 89 32.53 40.34 5.81
CA GLU C 89 31.81 41.61 5.82
C GLU C 89 30.41 41.45 6.42
N ALA C 90 29.61 42.50 6.37
CA ALA C 90 28.27 42.48 6.95
C ALA C 90 27.29 41.75 6.05
N GLU C 91 27.66 41.55 4.79
CA GLU C 91 26.80 40.83 3.86
C GLU C 91 27.03 39.32 3.95
N ASP C 92 28.01 38.93 4.75
CA ASP C 92 28.32 37.52 4.96
C ASP C 92 27.61 36.98 6.20
N LEU C 93 26.92 37.87 6.91
CA LEU C 93 26.30 37.53 8.18
C LEU C 93 25.12 36.57 8.01
N GLY C 94 25.00 35.62 8.93
CA GLY C 94 23.89 34.68 8.92
C GLY C 94 24.24 33.33 9.53
N ILE C 95 23.25 32.44 9.60
CA ILE C 95 23.46 31.09 10.11
C ILE C 95 23.64 30.10 8.97
N TYR C 96 24.77 29.40 8.97
CA TYR C 96 25.16 28.52 7.87
C TYR C 96 24.75 27.08 8.12
N TYR C 97 24.38 26.36 7.06
CA TYR C 97 24.03 24.95 7.20
C TYR C 97 24.78 24.09 6.19
N CYS C 98 25.28 22.95 6.64
CA CYS C 98 25.81 21.95 5.73
C CYS C 98 24.69 20.96 5.44
N PHE C 99 24.61 20.50 4.20
CA PHE C 99 23.52 19.61 3.78
C PHE C 99 24.03 18.53 2.86
N GLN C 100 23.77 17.26 3.19
CA GLN C 100 24.17 16.19 2.30
C GLN C 100 22.94 15.61 1.62
N GLY C 101 22.98 15.53 0.30
CA GLY C 101 21.92 14.91 -0.47
C GLY C 101 22.39 13.57 -1.01
N SER C 102 23.44 13.03 -0.39
CA SER C 102 24.12 11.85 -0.87
C SER C 102 23.42 10.54 -0.51
N LEU C 103 22.85 10.48 0.69
CA LEU C 103 22.09 9.29 1.08
C LEU C 103 20.73 9.65 1.64
N VAL C 104 19.71 8.98 1.11
CA VAL C 104 18.33 9.15 1.56
C VAL C 104 18.12 8.57 2.96
N PRO C 105 17.46 9.34 3.85
CA PRO C 105 17.05 10.72 3.63
C PRO C 105 18.21 11.70 3.74
N PRO C 106 18.25 12.70 2.86
CA PRO C 106 19.28 13.76 2.94
C PRO C 106 19.17 14.51 4.26
N THR C 107 20.32 14.79 4.89
CA THR C 107 20.30 15.33 6.25
C THR C 107 20.95 16.72 6.33
N PHE C 108 20.63 17.43 7.41
CA PHE C 108 21.14 18.78 7.61
C PHE C 108 22.00 18.87 8.86
N GLY C 109 22.76 19.96 8.97
CA GLY C 109 23.57 20.21 10.15
C GLY C 109 22.80 21.02 11.16
N ALA C 110 23.39 21.23 12.34
CA ALA C 110 22.73 21.97 13.41
C ALA C 110 22.77 23.47 13.18
N GLY C 111 23.49 23.88 12.14
CA GLY C 111 23.63 25.28 11.81
C GLY C 111 24.67 25.99 12.64
N THR C 112 25.26 27.03 12.08
CA THR C 112 26.21 27.86 12.82
C THR C 112 25.92 29.34 12.61
N LYS C 113 25.55 30.03 13.68
CA LYS C 113 25.30 31.45 13.56
C LYS C 113 26.65 32.14 13.43
N LEU C 114 26.85 32.84 12.32
CA LEU C 114 28.05 33.63 12.16
C LEU C 114 27.69 35.01 12.69
N GLU C 115 28.27 35.38 13.83
CA GLU C 115 28.01 36.68 14.41
C GLU C 115 29.33 37.42 14.61
N LEU C 116 29.25 38.67 15.03
CA LEU C 116 30.44 39.53 15.07
C LEU C 116 30.92 39.81 16.49
N LYS C 117 32.24 39.97 16.64
CA LYS C 117 32.82 40.33 17.93
C LYS C 117 32.51 41.78 18.27
N ARG C 118 32.33 42.05 19.55
CA ARG C 118 31.92 43.38 20.02
C ARG C 118 33.03 44.15 20.73
N GLY C 119 33.08 45.45 20.48
CA GLY C 119 34.04 46.32 21.13
C GLY C 119 35.01 47.02 20.21
N GLY C 120 35.73 47.99 20.77
CA GLY C 120 36.68 48.79 20.01
C GLY C 120 36.03 50.05 19.49
N GLN C 139 14.17 38.54 -13.53
CA GLN C 139 14.41 37.87 -12.25
C GLN C 139 13.54 36.62 -12.10
N VAL C 140 14.16 35.53 -11.67
CA VAL C 140 13.44 34.28 -11.41
C VAL C 140 12.94 34.29 -9.96
N GLN C 141 11.75 33.74 -9.73
CA GLN C 141 11.20 33.70 -8.37
C GLN C 141 10.06 32.69 -8.23
N LEU C 142 9.79 32.29 -6.99
CA LEU C 142 8.75 31.32 -6.69
C LEU C 142 7.83 31.84 -5.58
N GLN C 143 6.55 32.08 -5.92
CA GLN C 143 5.60 32.59 -4.93
C GLN C 143 5.03 31.45 -4.08
N GLN C 144 4.73 31.75 -2.81
CA GLN C 144 4.11 30.78 -1.92
C GLN C 144 2.83 31.35 -1.30
N SER C 145 1.93 30.46 -0.91
CA SER C 145 0.65 30.86 -0.35
C SER C 145 0.83 31.60 0.97
N GLY C 146 -0.14 32.43 1.32
CA GLY C 146 -0.12 33.19 2.56
C GLY C 146 -0.08 32.31 3.78
N PRO C 147 0.22 32.91 4.95
CA PRO C 147 0.35 32.16 6.20
C PRO C 147 -0.91 31.39 6.56
N GLU C 148 -0.77 30.26 7.23
CA GLU C 148 -1.92 29.43 7.52
C GLU C 148 -2.14 29.27 9.02
N ASP C 149 -3.31 29.68 9.50
CA ASP C 149 -3.70 29.39 10.87
C ASP C 149 -4.69 28.22 10.86
N VAL C 150 -4.44 27.23 11.69
CA VAL C 150 -5.25 26.01 11.71
C VAL C 150 -5.40 25.46 13.12
N LYS C 151 -6.43 24.64 13.31
CA LYS C 151 -6.66 23.98 14.58
C LYS C 151 -6.03 22.60 14.52
N PRO C 152 -5.70 22.01 15.68
CA PRO C 152 -5.00 20.72 15.64
C PRO C 152 -5.75 19.64 14.87
N GLY C 153 -5.10 19.05 13.88
CA GLY C 153 -5.65 17.93 13.13
C GLY C 153 -6.14 18.31 11.74
N ALA C 154 -6.37 19.60 11.52
CA ALA C 154 -6.84 20.10 10.22
C ALA C 154 -5.76 19.95 9.15
N SER C 155 -6.16 19.92 7.88
CA SER C 155 -5.18 19.85 6.82
C SER C 155 -4.62 21.23 6.49
N VAL C 156 -3.61 21.24 5.63
CA VAL C 156 -3.12 22.47 5.04
C VAL C 156 -2.60 22.17 3.64
N LYS C 157 -2.97 23.00 2.67
CA LYS C 157 -2.47 22.85 1.32
C LYS C 157 -1.58 24.02 0.97
N ILE C 158 -0.28 23.77 0.92
CA ILE C 158 0.68 24.83 0.63
C ILE C 158 0.98 24.86 -0.87
N SER C 159 0.89 26.05 -1.47
CA SER C 159 1.07 26.21 -2.91
C SER C 159 2.42 26.84 -3.23
N CYS C 160 3.15 26.24 -4.15
CA CYS C 160 4.41 26.81 -4.61
C CYS C 160 4.35 27.04 -6.13
N LYS C 161 4.29 28.30 -6.55
CA LYS C 161 4.17 28.56 -7.99
C LYS C 161 5.46 29.17 -8.53
N ALA C 162 6.01 28.49 -9.54
CA ALA C 162 7.29 28.88 -10.13
C ALA C 162 7.13 29.91 -11.25
N SER C 163 8.07 30.84 -11.32
CA SER C 163 8.13 31.82 -12.41
C SER C 163 9.58 32.13 -12.76
N GLY C 164 9.90 32.14 -14.05
CA GLY C 164 11.21 32.58 -14.51
C GLY C 164 12.17 31.50 -14.97
N TYR C 165 11.77 30.23 -14.85
CA TYR C 165 12.62 29.12 -15.28
C TYR C 165 11.77 27.99 -15.87
N THR C 166 12.42 26.89 -16.25
CA THR C 166 11.68 25.77 -16.83
C THR C 166 11.27 24.85 -15.69
N PHE C 167 9.96 24.84 -15.42
CA PHE C 167 9.40 24.12 -14.27
C PHE C 167 9.71 22.62 -14.28
N THR C 168 9.59 22.02 -15.46
CA THR C 168 9.72 20.56 -15.59
C THR C 168 11.17 20.08 -15.46
N ASP C 169 12.10 21.02 -15.39
CA ASP C 169 13.52 20.68 -15.28
C ASP C 169 13.95 20.31 -13.86
N TYR C 170 13.45 21.07 -12.88
CA TYR C 170 13.90 20.94 -11.50
C TYR C 170 12.99 20.06 -10.64
N TYR C 171 13.59 19.17 -9.85
CA TYR C 171 12.87 18.43 -8.81
C TYR C 171 12.33 19.42 -7.79
N MET C 172 11.32 19.03 -7.01
CA MET C 172 10.90 19.93 -5.95
C MET C 172 11.00 19.26 -4.57
N ASN C 173 12.00 19.66 -3.79
CA ASN C 173 12.09 19.27 -2.39
C ASN C 173 11.23 20.22 -1.56
N TRP C 174 10.81 19.78 -0.39
CA TRP C 174 10.17 20.67 0.56
C TRP C 174 10.95 20.63 1.87
N VAL C 175 11.07 21.77 2.55
CA VAL C 175 11.87 21.82 3.77
C VAL C 175 11.19 22.59 4.90
N LYS C 176 11.07 21.91 6.03
CA LYS C 176 10.48 22.45 7.24
C LYS C 176 11.53 23.18 8.09
N GLN C 177 11.16 24.35 8.59
CA GLN C 177 12.07 25.19 9.38
C GLN C 177 11.38 25.65 10.66
N SER C 178 11.94 25.27 11.79
CA SER C 178 11.49 25.80 13.07
C SER C 178 12.63 26.47 13.79
N PRO C 179 12.35 27.54 14.54
CA PRO C 179 13.37 28.04 15.46
C PRO C 179 13.78 26.91 16.40
N GLY C 180 12.79 26.13 16.85
CA GLY C 180 13.06 25.02 17.74
C GLY C 180 13.81 23.87 17.09
N LYS C 181 13.25 23.23 16.07
CA LYS C 181 13.95 22.10 15.49
C LYS C 181 14.56 22.31 14.10
N GLY C 182 15.83 22.71 14.07
CA GLY C 182 16.69 22.61 12.90
C GLY C 182 16.16 23.06 11.54
N LEU C 183 16.69 22.38 10.52
CA LEU C 183 16.19 22.36 9.16
C LEU C 183 15.87 20.90 8.86
N GLU C 184 14.78 20.61 8.17
CA GLU C 184 14.43 19.21 7.91
C GLU C 184 13.82 19.01 6.54
N TRP C 185 14.23 17.92 5.89
CA TRP C 185 13.80 17.63 4.53
C TRP C 185 12.52 16.78 4.53
N ILE C 186 11.46 17.33 3.97
CA ILE C 186 10.16 16.67 3.94
C ILE C 186 10.10 15.59 2.86
N GLY C 187 10.51 15.95 1.65
CA GLY C 187 10.49 15.03 0.53
C GLY C 187 10.64 15.75 -0.80
N ASP C 188 10.95 15.00 -1.85
CA ASP C 188 11.14 15.59 -3.18
C ASP C 188 10.18 14.98 -4.20
N ILE C 189 10.02 15.66 -5.34
CA ILE C 189 9.16 15.16 -6.41
C ILE C 189 9.72 15.51 -7.79
N ASN C 190 9.57 14.58 -8.73
CA ASN C 190 9.95 14.82 -10.11
C ASN C 190 8.72 15.26 -10.88
N PRO C 191 8.75 16.49 -11.44
CA PRO C 191 7.62 17.07 -12.16
C PRO C 191 7.08 16.19 -13.29
N ASN C 192 7.97 15.46 -13.97
CA ASN C 192 7.55 14.58 -15.05
C ASN C 192 6.56 13.51 -14.58
N ASN C 193 7.05 12.54 -13.81
CA ASN C 193 6.24 11.39 -13.43
C ASN C 193 5.58 11.46 -12.05
N GLY C 194 5.72 12.58 -11.35
CA GLY C 194 5.27 12.60 -9.97
C GLY C 194 6.14 11.64 -9.19
N GLY C 195 7.45 11.82 -9.32
CA GLY C 195 8.47 10.89 -8.87
C GLY C 195 8.77 10.94 -7.38
N THR C 196 7.74 11.24 -6.58
CA THR C 196 7.88 11.54 -5.17
C THR C 196 8.71 10.52 -4.38
N SER C 197 9.55 11.04 -3.50
CA SER C 197 10.28 10.24 -2.53
C SER C 197 10.22 10.97 -1.18
N TYR C 198 9.72 10.28 -0.16
CA TYR C 198 9.42 10.92 1.11
C TYR C 198 10.36 10.48 2.24
N ASN C 199 10.54 11.38 3.21
CA ASN C 199 11.33 11.11 4.40
C ASN C 199 10.69 10.02 5.25
N GLN C 200 11.51 9.08 5.72
CA GLN C 200 11.00 7.94 6.49
C GLN C 200 10.42 8.34 7.84
N LYS C 201 10.75 9.55 8.32
CA LYS C 201 10.11 10.06 9.52
C LYS C 201 8.74 10.64 9.19
N PHE C 202 8.55 11.06 7.94
CA PHE C 202 7.26 11.58 7.52
C PHE C 202 6.36 10.47 6.99
N LYS C 203 6.96 9.32 6.70
CA LYS C 203 6.24 8.09 6.35
C LYS C 203 5.18 8.26 5.26
N GLY C 204 5.38 9.24 4.40
CA GLY C 204 4.41 9.56 3.35
C GLY C 204 3.08 10.04 3.88
N ARG C 205 3.03 10.46 5.14
CA ARG C 205 1.80 10.99 5.73
C ARG C 205 1.46 12.36 5.16
N ALA C 206 2.37 12.90 4.35
CA ALA C 206 2.10 14.11 3.61
C ALA C 206 2.08 13.75 2.13
N THR C 207 1.67 14.69 1.28
CA THR C 207 1.56 14.38 -0.14
C THR C 207 2.11 15.52 -1.00
N LEU C 208 3.06 15.19 -1.87
CA LEU C 208 3.62 16.18 -2.79
C LEU C 208 2.90 16.07 -4.12
N THR C 209 2.33 17.16 -4.61
CA THR C 209 1.61 17.11 -5.88
C THR C 209 2.11 18.17 -6.85
N VAL C 210 1.96 17.90 -8.15
CA VAL C 210 2.42 18.83 -9.18
C VAL C 210 1.41 18.95 -10.32
N ASP C 211 0.94 20.18 -10.54
CA ASP C 211 0.13 20.50 -11.71
C ASP C 211 0.99 21.22 -12.73
N LYS C 212 1.30 20.55 -13.84
CA LYS C 212 2.21 21.12 -14.83
C LYS C 212 1.52 22.16 -15.70
N SER C 213 0.19 22.18 -15.66
CA SER C 213 -0.59 23.12 -16.46
C SER C 213 -0.23 24.57 -16.12
N SER C 214 -0.41 24.94 -14.85
CA SER C 214 -0.06 26.28 -14.39
C SER C 214 1.33 26.31 -13.78
N SER C 215 2.01 25.17 -13.82
CA SER C 215 3.33 25.00 -13.23
C SER C 215 3.32 25.33 -11.75
N THR C 216 2.65 24.48 -10.97
CA THR C 216 2.54 24.67 -9.53
C THR C 216 2.80 23.36 -8.80
N ALA C 217 3.47 23.44 -7.66
CA ALA C 217 3.71 22.28 -6.82
C ALA C 217 3.07 22.49 -5.46
N TYR C 218 2.03 21.71 -5.16
CA TYR C 218 1.40 21.83 -3.86
C TYR C 218 1.93 20.77 -2.89
N MET C 219 1.54 20.92 -1.63
CA MET C 219 1.90 19.97 -0.58
C MET C 219 0.77 19.87 0.44
N GLU C 220 0.38 18.65 0.77
CA GLU C 220 -0.70 18.43 1.72
C GLU C 220 -0.19 17.73 2.98
N LEU C 221 -0.80 18.05 4.12
CA LEU C 221 -0.55 17.32 5.37
C LEU C 221 -1.79 17.42 6.25
N ARG C 222 -2.12 16.34 6.95
CA ARG C 222 -3.32 16.33 7.78
C ARG C 222 -3.02 16.51 9.26
N SER C 223 -2.48 15.48 9.90
CA SER C 223 -2.26 15.52 11.33
C SER C 223 -1.28 16.63 11.70
N LEU C 224 -1.72 17.52 12.58
CA LEU C 224 -0.91 18.66 13.00
C LEU C 224 -0.81 18.71 14.53
N THR C 225 0.43 18.70 15.02
CA THR C 225 0.69 18.83 16.45
C THR C 225 1.38 20.16 16.72
N SER C 226 1.71 20.42 17.98
CA SER C 226 2.38 21.66 18.35
C SER C 226 3.67 21.93 17.57
N GLU C 227 4.66 21.05 17.70
CA GLU C 227 5.95 21.25 17.03
C GLU C 227 5.85 21.20 15.49
N ASP C 228 4.74 20.71 14.97
CA ASP C 228 4.56 20.67 13.52
C ASP C 228 4.39 22.10 13.00
N SER C 229 4.20 23.04 13.93
CA SER C 229 4.12 24.45 13.58
C SER C 229 5.50 24.92 13.14
N SER C 230 5.57 25.46 11.92
CA SER C 230 6.86 25.83 11.34
C SER C 230 6.71 26.70 10.10
N VAL C 231 7.84 27.03 9.49
CA VAL C 231 7.88 27.69 8.19
C VAL C 231 8.17 26.62 7.15
N TYR C 232 7.61 26.76 5.95
CA TYR C 232 7.77 25.74 4.94
C TYR C 232 8.27 26.31 3.62
N TYR C 233 9.39 25.77 3.13
CA TYR C 233 9.99 26.24 1.90
C TYR C 233 9.89 25.18 0.80
N CYS C 234 9.93 25.62 -0.45
CA CYS C 234 9.73 24.75 -1.60
C CYS C 234 11.02 24.65 -2.40
N ALA C 235 11.81 23.60 -2.16
CA ALA C 235 13.19 23.58 -2.67
C ALA C 235 13.28 23.37 -4.18
N ALA C 236 14.15 24.15 -4.81
CA ALA C 236 14.07 24.40 -6.25
C ALA C 236 15.34 24.16 -7.07
N SER C 237 16.42 24.86 -6.74
CA SER C 237 17.48 25.20 -7.70
C SER C 237 18.80 24.40 -7.71
N SER C 238 19.41 24.41 -8.89
CA SER C 238 20.46 23.51 -9.38
C SER C 238 21.60 24.37 -10.02
N PRO C 239 22.49 23.83 -10.89
CA PRO C 239 22.74 22.57 -11.66
C PRO C 239 23.25 21.29 -10.98
N TYR C 240 24.42 21.36 -10.36
CA TYR C 240 25.13 20.21 -9.76
C TYR C 240 25.04 18.82 -10.46
N SER C 241 25.64 18.70 -11.65
CA SER C 241 26.17 17.39 -12.11
C SER C 241 25.23 16.18 -12.21
N MET C 242 24.43 16.10 -13.28
CA MET C 242 23.53 14.97 -13.57
C MET C 242 22.67 14.63 -12.35
N ARG C 243 22.00 15.66 -11.88
CA ARG C 243 21.02 15.61 -10.80
C ARG C 243 20.50 17.03 -10.68
N ALA C 244 19.33 17.19 -10.06
CA ALA C 244 18.72 18.51 -10.06
C ALA C 244 18.16 18.96 -8.71
N ALA C 245 17.92 20.27 -8.59
CA ALA C 245 17.07 20.84 -7.55
C ALA C 245 17.48 20.68 -6.09
N MET C 246 18.43 21.48 -5.63
CA MET C 246 18.81 21.44 -4.22
C MET C 246 18.22 22.62 -3.42
N ASP C 247 18.54 23.86 -3.81
CA ASP C 247 18.32 25.03 -2.96
C ASP C 247 17.10 25.92 -3.25
N TYR C 248 16.53 26.46 -2.16
CA TYR C 248 15.44 27.45 -2.25
C TYR C 248 15.76 28.59 -1.24
N TRP C 249 16.05 29.84 -1.66
CA TRP C 249 15.88 30.43 -3.01
C TRP C 249 14.38 30.63 -3.30
N GLY C 250 13.68 31.07 -2.25
CA GLY C 250 12.31 31.57 -2.38
C GLY C 250 11.65 32.01 -1.08
N GLN C 251 10.36 32.30 -1.14
CA GLN C 251 9.66 32.96 -0.03
C GLN C 251 9.53 32.12 1.25
N GLY C 252 8.76 31.04 1.19
CA GLY C 252 8.49 30.24 2.38
C GLY C 252 7.11 30.52 2.94
N THR C 253 6.60 29.63 3.78
CA THR C 253 5.28 29.80 4.38
C THR C 253 5.25 29.44 5.87
N THR C 254 4.88 30.40 6.71
CA THR C 254 4.78 30.17 8.15
C THR C 254 3.47 29.44 8.45
N VAL C 255 3.57 28.25 9.00
CA VAL C 255 2.38 27.48 9.38
C VAL C 255 2.30 27.35 10.90
N THR C 256 1.19 27.79 11.46
CA THR C 256 0.97 27.77 12.90
C THR C 256 -0.18 26.84 13.22
N VAL C 257 0.07 25.86 14.07
CA VAL C 257 -1.01 25.00 14.51
C VAL C 257 -1.55 25.67 15.75
N SER C 258 -2.73 26.28 15.62
CA SER C 258 -3.30 27.07 16.69
C SER C 258 -4.27 26.25 17.53
N ALA C 259 -3.96 26.12 18.82
CA ALA C 259 -4.81 25.38 19.74
C ALA C 259 -6.18 26.03 19.84
#